data_5ICY
#
_entry.id   5ICY
#
_cell.length_a   64.180
_cell.length_b   82.890
_cell.length_c   212.900
_cell.angle_alpha   90.00
_cell.angle_beta   90.00
_cell.angle_gamma   90.00
#
_symmetry.space_group_name_H-M   'P 21 21 21'
#
loop_
_entity.id
_entity.type
_entity.pdbx_description
1 polymer 'Cetuximab Fab light chain'
2 polymer 'Cetuximab Fab heavy chain'
3 polymer Meditope
4 non-polymer 'PHOSPHATE ION'
5 water water
#
loop_
_entity_poly.entity_id
_entity_poly.type
_entity_poly.pdbx_seq_one_letter_code
_entity_poly.pdbx_strand_id
1 'polypeptide(L)'
;DILLTQSPVILSVSPGERVSFSCRASQSIGTNIHWYQQRTNGSPRLLIKYASESISGIPSRFSGSGSGTDFTLSINSVES
EDIADYYCQQNNNWPTTFGAGTKLELKRTVAAPSVFIFPPSDEQLKSGTASVVCLLNNFYPREAKVQWKVDNALQSGNSQ
ESVTEQDSKDSTYSLSSTLTLSKADYEKHKVYACEVTHQGLSSPVTKSFNRGA
;
A,C
2 'polypeptide(L)'
;(PCA)VQLKQSGPGLVQPSQSLSITCTVSGFSLTNYGVHWVRQSPGKGLEWLGVIWSGGNTDYNTPFTSRLSINKDNSKS
QVFFKMNSLQSNDTAIYYCARALTYYDYEFAYWGQGTLVTVSAASTKGPSVFPLAPSSKSTSGGTAALGCLVKDYFPEPV
TVSWNSGALTSGVHTFPAVLQSSGLYSLSSVVTVPSSSLGTQTYICNVNHKPSNTKVDKRVEPKS
;
B,D
3 'polypeptide(L)' SQFDLSTRRLKS E,F
#
# COMPACT_ATOMS: atom_id res chain seq x y z
N ASP A 1 30.92 -9.51 -0.31
CA ASP A 1 30.28 -8.22 -0.09
C ASP A 1 29.12 -8.37 0.88
N ILE A 2 28.89 -7.35 1.71
CA ILE A 2 27.76 -7.36 2.62
C ILE A 2 26.46 -7.11 1.84
N LEU A 3 25.48 -7.97 2.05
CA LEU A 3 24.17 -7.78 1.43
C LEU A 3 23.29 -7.02 2.43
N LEU A 4 22.64 -5.97 1.94
CA LEU A 4 21.72 -5.20 2.75
C LEU A 4 20.31 -5.40 2.24
N THR A 5 19.40 -5.80 3.13
CA THR A 5 18.03 -6.08 2.74
C THR A 5 17.08 -5.04 3.35
N GLN A 6 16.39 -4.30 2.50
CA GLN A 6 15.42 -3.28 2.95
C GLN A 6 13.98 -3.77 2.77
N SER A 7 13.18 -3.60 3.82
CA SER A 7 11.81 -4.12 3.82
C SER A 7 10.89 -3.16 4.55
N PRO A 8 9.62 -3.11 4.13
CA PRO A 8 9.15 -3.77 2.90
C PRO A 8 9.57 -2.96 1.69
N VAL A 9 9.21 -3.42 0.50
CA VAL A 9 9.52 -2.67 -0.73
C VAL A 9 8.80 -1.32 -0.78
N ILE A 10 7.53 -1.31 -0.37
CA ILE A 10 6.72 -0.11 -0.39
C ILE A 10 6.02 0.14 0.94
N LEU A 11 6.13 1.36 1.46
CA LEU A 11 5.33 1.77 2.60
C LEU A 11 4.31 2.84 2.19
N SER A 12 3.10 2.74 2.74
CA SER A 12 2.07 3.75 2.50
C SER A 12 1.46 4.22 3.81
N VAL A 13 1.59 5.52 4.10
CA VAL A 13 1.10 6.05 5.37
C VAL A 13 0.29 7.34 5.19
N SER A 14 -0.27 7.84 6.30
CA SER A 14 -1.05 9.07 6.27
C SER A 14 -0.20 10.19 6.86
N PRO A 15 -0.46 11.44 6.46
CA PRO A 15 0.37 12.55 6.97
C PRO A 15 0.23 12.69 8.47
N GLY A 16 1.33 13.00 9.14
CA GLY A 16 1.33 13.17 10.58
C GLY A 16 1.66 11.90 11.33
N GLU A 17 1.53 10.75 10.66
CA GLU A 17 1.88 9.47 11.27
C GLU A 17 3.39 9.27 11.40
N ARG A 18 3.79 8.37 12.28
CA ARG A 18 5.18 7.97 12.38
C ARG A 18 5.41 6.78 11.45
N VAL A 19 6.60 6.68 10.87
CA VAL A 19 6.93 5.56 9.99
C VAL A 19 8.39 5.12 10.15
N SER A 20 8.61 3.81 10.01
CA SER A 20 9.94 3.20 10.16
C SER A 20 10.37 2.42 8.93
N PHE A 21 11.63 2.59 8.54
CA PHE A 21 12.20 1.77 7.50
C PHE A 21 13.20 0.77 8.09
N SER A 22 13.15 -0.46 7.58
CA SER A 22 14.04 -1.49 8.05
C SER A 22 15.19 -1.73 7.08
N CYS A 23 16.40 -1.86 7.63
CA CYS A 23 17.58 -2.29 6.87
C CYS A 23 18.32 -3.38 7.64
N ARG A 24 18.40 -4.57 7.04
CA ARG A 24 19.04 -5.70 7.69
C ARG A 24 20.28 -6.15 6.93
N ALA A 25 21.35 -6.49 7.67
CA ALA A 25 22.64 -6.85 7.07
C ALA A 25 22.99 -8.34 7.15
N SER A 26 23.62 -8.87 6.11
CA SER A 26 23.96 -10.29 6.03
C SER A 26 24.98 -10.75 7.10
N GLN A 27 25.74 -9.82 7.67
CA GLN A 27 26.51 -10.11 8.88
C GLN A 27 26.67 -8.80 9.67
N SER A 28 27.20 -8.89 10.88
CA SER A 28 27.24 -7.71 11.74
C SER A 28 28.11 -6.59 11.17
N ILE A 29 27.66 -5.36 11.33
CA ILE A 29 28.39 -4.22 10.77
C ILE A 29 28.51 -3.10 11.79
N GLY A 30 28.32 -3.46 13.06
CA GLY A 30 28.38 -2.49 14.15
C GLY A 30 27.28 -1.45 13.99
N THR A 31 27.67 -0.19 13.92
CA THR A 31 26.74 0.88 13.67
C THR A 31 27.14 1.62 12.39
N ASN A 32 27.91 0.95 11.53
CA ASN A 32 28.46 1.59 10.34
C ASN A 32 27.45 1.60 9.18
N ILE A 33 26.40 2.40 9.34
CA ILE A 33 25.34 2.44 8.37
C ILE A 33 24.92 3.90 8.16
N HIS A 34 24.69 4.27 6.91
CA HIS A 34 24.26 5.62 6.56
C HIS A 34 22.94 5.55 5.78
N TRP A 35 22.09 6.57 5.94
CA TRP A 35 20.80 6.59 5.26
C TRP A 35 20.67 7.76 4.29
N TYR A 36 19.98 7.52 3.18
CA TYR A 36 19.79 8.53 2.15
C TYR A 36 18.35 8.65 1.69
N GLN A 37 18.00 9.86 1.25
CA GLN A 37 16.70 10.14 0.65
C GLN A 37 16.85 10.44 -0.83
N GLN A 38 16.00 9.85 -1.67
CA GLN A 38 15.95 10.23 -3.08
C GLN A 38 14.57 10.65 -3.54
N ARG A 39 14.44 11.94 -3.83
CA ARG A 39 13.21 12.52 -4.35
C ARG A 39 13.19 12.46 -5.87
N THR A 40 11.99 12.62 -6.45
CA THR A 40 11.81 12.56 -7.89
C THR A 40 12.79 13.44 -8.66
N ASN A 41 13.49 12.83 -9.62
CA ASN A 41 14.53 13.53 -10.40
C ASN A 41 15.75 14.02 -9.61
N GLY A 42 15.96 13.50 -8.41
CA GLY A 42 17.04 14.01 -7.57
C GLY A 42 18.25 13.09 -7.39
N SER A 43 19.29 13.63 -6.80
CA SER A 43 20.41 12.79 -6.41
C SER A 43 20.17 12.42 -4.95
N PRO A 44 20.81 11.36 -4.46
CA PRO A 44 20.69 11.01 -3.04
C PRO A 44 21.02 12.18 -2.12
N ARG A 45 20.35 12.21 -0.96
CA ARG A 45 20.58 13.21 0.07
C ARG A 45 20.85 12.45 1.37
N LEU A 46 21.97 12.77 2.02
CA LEU A 46 22.38 12.10 3.27
C LEU A 46 21.54 12.52 4.48
N LEU A 47 20.92 11.54 5.14
CA LEU A 47 19.96 11.83 6.23
C LEU A 47 20.54 11.59 7.62
N ILE A 48 21.19 10.44 7.77
CA ILE A 48 21.73 10.00 9.05
C ILE A 48 23.04 9.30 8.73
N LYS A 49 24.05 9.48 9.58
CA LYS A 49 25.29 8.74 9.43
C LYS A 49 25.59 7.93 10.70
N TYR A 50 26.23 6.78 10.54
CA TYR A 50 26.60 5.92 11.66
C TYR A 50 25.38 5.60 12.53
N ALA A 51 24.33 5.11 11.88
CA ALA A 51 23.11 4.60 12.49
C ALA A 51 22.20 5.64 13.13
N SER A 52 22.78 6.61 13.83
CA SER A 52 21.98 7.48 14.70
C SER A 52 22.38 8.95 14.76
N GLU A 53 23.52 9.29 14.15
CA GLU A 53 24.05 10.66 14.25
C GLU A 53 23.42 11.62 13.26
N SER A 54 23.03 12.80 13.75
CA SER A 54 22.30 13.75 12.94
C SER A 54 23.20 14.42 11.90
N ILE A 55 22.56 14.96 10.86
CA ILE A 55 23.24 15.67 9.77
C ILE A 55 22.72 17.10 9.73
N SER A 56 23.61 18.05 9.50
CA SER A 56 23.25 19.45 9.47
C SER A 56 22.30 19.75 8.30
N GLY A 57 21.25 20.52 8.56
CA GLY A 57 20.28 20.85 7.52
C GLY A 57 19.14 19.87 7.37
N ILE A 58 19.20 18.78 8.13
CA ILE A 58 18.18 17.74 8.07
C ILE A 58 17.18 17.90 9.20
N PRO A 59 15.88 17.95 8.86
CA PRO A 59 14.78 18.10 9.81
C PRO A 59 14.89 17.14 11.00
N SER A 60 14.50 17.62 12.18
CA SER A 60 14.64 16.85 13.41
C SER A 60 13.76 15.59 13.43
N ARG A 61 12.76 15.55 12.54
CA ARG A 61 11.85 14.41 12.49
C ARG A 61 12.53 13.14 11.97
N PHE A 62 13.71 13.27 11.39
CA PHE A 62 14.47 12.10 10.96
C PHE A 62 15.43 11.64 12.07
N SER A 63 15.30 10.37 12.43
CA SER A 63 16.22 9.75 13.37
C SER A 63 16.46 8.32 12.92
N GLY A 64 17.51 7.70 13.46
CA GLY A 64 17.81 6.30 13.20
C GLY A 64 18.39 5.61 14.41
N SER A 65 18.23 4.29 14.45
CA SER A 65 18.73 3.50 15.54
C SER A 65 19.16 2.13 15.03
N GLY A 66 19.78 1.33 15.90
CA GLY A 66 20.19 -0.01 15.58
C GLY A 66 21.69 -0.24 15.73
N SER A 67 22.07 -1.52 15.73
CA SER A 67 23.46 -1.94 15.82
C SER A 67 23.53 -3.42 15.46
N GLY A 68 24.67 -3.89 14.99
CA GLY A 68 24.80 -5.29 14.60
C GLY A 68 24.28 -5.54 13.20
N THR A 69 23.06 -6.09 13.11
CA THR A 69 22.50 -6.43 11.80
C THR A 69 21.11 -5.84 11.52
N ASP A 70 20.48 -5.24 12.52
CA ASP A 70 19.10 -4.77 12.39
C ASP A 70 19.01 -3.24 12.62
N PHE A 71 18.67 -2.50 11.57
CA PHE A 71 18.66 -1.02 11.63
C PHE A 71 17.33 -0.39 11.24
N THR A 72 17.07 0.78 11.81
CA THR A 72 15.81 1.46 11.57
C THR A 72 15.97 2.95 11.35
N LEU A 73 15.42 3.44 10.25
CA LEU A 73 15.29 4.87 10.00
C LEU A 73 13.84 5.25 10.29
N SER A 74 13.65 6.30 11.09
CA SER A 74 12.31 6.71 11.45
C SER A 74 12.02 8.16 11.06
N ILE A 75 10.75 8.41 10.73
CA ILE A 75 10.21 9.76 10.61
C ILE A 75 9.04 9.86 11.58
N ASN A 76 9.16 10.69 12.62
CA ASN A 76 8.12 10.75 13.66
C ASN A 76 6.78 11.36 13.25
N SER A 77 6.79 12.22 12.23
CA SER A 77 5.54 12.78 11.71
C SER A 77 5.67 13.15 10.24
N VAL A 78 5.14 12.29 9.38
CA VAL A 78 5.43 12.37 7.96
C VAL A 78 4.75 13.58 7.34
N GLU A 79 5.48 14.26 6.45
CA GLU A 79 4.93 15.35 5.68
C GLU A 79 4.92 14.99 4.20
N SER A 80 4.22 15.78 3.40
CA SER A 80 4.08 15.48 1.99
C SER A 80 5.41 15.49 1.25
N GLU A 81 6.34 16.36 1.65
CA GLU A 81 7.62 16.44 0.96
CA GLU A 81 7.62 16.43 0.96
C GLU A 81 8.55 15.28 1.33
N ASP A 82 8.06 14.36 2.15
CA ASP A 82 8.85 13.19 2.52
C ASP A 82 8.61 12.06 1.53
N ILE A 83 7.71 12.28 0.57
CA ILE A 83 7.52 11.35 -0.55
C ILE A 83 8.84 11.16 -1.28
N ALA A 84 9.38 9.94 -1.23
CA ALA A 84 10.70 9.64 -1.77
C ALA A 84 11.00 8.15 -1.64
N ASP A 85 12.19 7.77 -2.12
CA ASP A 85 12.75 6.46 -1.80
C ASP A 85 13.87 6.60 -0.76
N TYR A 86 14.03 5.57 0.06
CA TYR A 86 15.03 5.61 1.14
C TYR A 86 15.98 4.43 1.08
N TYR A 87 17.28 4.74 1.16
CA TYR A 87 18.34 3.74 1.02
C TYR A 87 19.26 3.71 2.23
N CYS A 88 19.74 2.51 2.57
CA CYS A 88 20.78 2.39 3.56
C CYS A 88 22.11 2.05 2.88
N GLN A 89 23.21 2.32 3.56
CA GLN A 89 24.55 2.03 3.06
C GLN A 89 25.38 1.52 4.23
N GLN A 90 26.12 0.42 4.02
CA GLN A 90 27.08 -0.04 5.03
C GLN A 90 28.50 0.29 4.60
N ASN A 91 29.36 0.55 5.57
CA ASN A 91 30.76 0.73 5.27
C ASN A 91 31.66 0.11 6.35
N ASN A 92 31.17 -0.94 6.98
CA ASN A 92 32.00 -1.65 7.93
C ASN A 92 32.98 -2.53 7.16
N ASN A 93 32.55 -2.95 5.96
CA ASN A 93 33.32 -3.87 5.11
CA ASN A 93 33.32 -3.86 5.12
C ASN A 93 33.48 -3.31 3.70
N TRP A 94 34.66 -3.46 3.13
CA TRP A 94 34.94 -3.01 1.77
C TRP A 94 34.51 -4.08 0.78
N PRO A 95 33.83 -3.70 -0.32
CA PRO A 95 33.48 -2.33 -0.70
C PRO A 95 32.16 -1.89 -0.07
N THR A 96 31.97 -0.58 0.08
CA THR A 96 30.72 -0.07 0.63
C THR A 96 29.56 -0.48 -0.28
N THR A 97 28.46 -0.94 0.32
CA THR A 97 27.33 -1.44 -0.45
C THR A 97 26.03 -0.77 0.00
N PHE A 98 25.05 -0.75 -0.90
CA PHE A 98 23.76 -0.13 -0.62
C PHE A 98 22.64 -1.16 -0.62
N GLY A 99 21.62 -0.91 0.20
CA GLY A 99 20.38 -1.67 0.09
C GLY A 99 19.59 -1.31 -1.17
N ALA A 100 18.52 -2.07 -1.45
CA ALA A 100 17.75 -1.83 -2.67
C ALA A 100 16.69 -0.74 -2.55
N GLY A 101 16.48 -0.23 -1.34
CA GLY A 101 15.57 0.89 -1.11
C GLY A 101 14.13 0.54 -0.74
N THR A 102 13.49 1.46 -0.02
CA THR A 102 12.07 1.36 0.29
C THR A 102 11.33 2.62 -0.20
N LYS A 103 10.22 2.43 -0.89
CA LYS A 103 9.43 3.56 -1.38
C LYS A 103 8.41 4.04 -0.34
N LEU A 104 8.35 5.35 -0.12
CA LEU A 104 7.37 5.94 0.80
C LEU A 104 6.26 6.69 0.06
N GLU A 105 5.06 6.13 0.08
CA GLU A 105 3.90 6.78 -0.52
C GLU A 105 3.02 7.41 0.56
N LEU A 106 2.35 8.49 0.20
CA LEU A 106 1.48 9.18 1.13
C LEU A 106 0.02 9.01 0.76
N LYS A 107 -0.81 8.72 1.77
CA LYS A 107 -2.26 8.68 1.57
C LYS A 107 -2.85 10.09 1.68
N ARG A 108 -3.94 10.32 0.97
CA ARG A 108 -4.70 11.55 1.13
C ARG A 108 -6.17 11.31 0.79
N THR A 109 -7.00 12.34 0.93
CA THR A 109 -8.40 12.21 0.59
C THR A 109 -8.58 12.07 -0.94
N VAL A 110 -9.69 11.45 -1.34
CA VAL A 110 -9.96 11.27 -2.76
C VAL A 110 -10.13 12.62 -3.46
N ALA A 111 -9.53 12.74 -4.65
CA ALA A 111 -9.63 13.95 -5.46
C ALA A 111 -9.89 13.54 -6.91
N ALA A 112 -11.01 13.98 -7.45
CA ALA A 112 -11.34 13.68 -8.84
C ALA A 112 -10.38 14.43 -9.77
N PRO A 113 -10.03 13.82 -10.91
CA PRO A 113 -9.22 14.52 -11.91
C PRO A 113 -10.00 15.64 -12.61
N SER A 114 -9.31 16.70 -13.01
CA SER A 114 -9.80 17.63 -13.99
C SER A 114 -9.31 17.14 -15.34
N VAL A 115 -10.23 17.01 -16.30
CA VAL A 115 -9.91 16.41 -17.60
C VAL A 115 -9.91 17.45 -18.71
N PHE A 116 -8.86 17.44 -19.52
CA PHE A 116 -8.77 18.29 -20.72
C PHE A 116 -8.31 17.44 -21.91
N ILE A 117 -8.77 17.82 -23.10
CA ILE A 117 -8.37 17.14 -24.32
C ILE A 117 -7.72 18.15 -25.28
N PHE A 118 -6.69 17.72 -25.99
CA PHE A 118 -5.99 18.58 -26.94
C PHE A 118 -5.90 17.90 -28.30
N PRO A 119 -6.55 18.49 -29.31
CA PRO A 119 -6.43 18.00 -30.70
C PRO A 119 -5.00 18.17 -31.16
N PRO A 120 -4.59 17.44 -32.22
CA PRO A 120 -3.25 17.64 -32.77
C PRO A 120 -3.05 19.05 -33.32
N SER A 121 -1.84 19.55 -33.22
CA SER A 121 -1.53 20.86 -33.76
C SER A 121 -1.41 20.77 -35.28
N ASP A 122 -1.72 21.86 -35.96
CA ASP A 122 -1.52 21.90 -37.41
C ASP A 122 -0.03 21.75 -37.73
N GLU A 123 0.81 22.17 -36.79
CA GLU A 123 2.25 21.99 -36.90
C GLU A 123 2.59 20.51 -36.98
N GLN A 124 2.01 19.71 -36.09
CA GLN A 124 2.31 18.29 -36.09
C GLN A 124 1.74 17.61 -37.32
N LEU A 125 0.52 18.01 -37.70
CA LEU A 125 -0.14 17.42 -38.89
C LEU A 125 0.73 17.52 -40.14
N LYS A 126 1.42 18.65 -40.31
CA LYS A 126 2.35 18.86 -41.43
C LYS A 126 3.36 17.72 -41.60
N SER A 127 3.74 17.10 -40.48
CA SER A 127 4.73 16.01 -40.51
C SER A 127 4.08 14.66 -40.82
N GLY A 128 2.75 14.60 -40.84
CA GLY A 128 2.06 13.41 -41.25
C GLY A 128 1.73 12.46 -40.12
N THR A 129 1.74 13.00 -38.89
CA THR A 129 1.36 12.25 -37.71
C THR A 129 0.45 13.11 -36.84
N ALA A 130 -0.51 12.45 -36.18
CA ALA A 130 -1.50 13.13 -35.37
C ALA A 130 -1.49 12.62 -33.93
N SER A 131 -1.18 13.48 -32.98
CA SER A 131 -1.24 13.06 -31.58
C SER A 131 -2.39 13.75 -30.90
N VAL A 132 -3.26 12.95 -30.28
CA VAL A 132 -4.39 13.49 -29.53
C VAL A 132 -4.12 13.28 -28.04
N VAL A 133 -4.03 14.37 -27.28
CA VAL A 133 -3.63 14.25 -25.89
C VAL A 133 -4.79 14.50 -24.96
N CYS A 134 -4.98 13.56 -24.03
CA CYS A 134 -5.99 13.72 -23.01
C CYS A 134 -5.30 13.78 -21.65
N LEU A 135 -5.57 14.84 -20.90
CA LEU A 135 -4.92 15.09 -19.61
C LEU A 135 -5.87 14.89 -18.44
N LEU A 136 -5.42 14.11 -17.46
CA LEU A 136 -6.12 13.95 -16.19
C LEU A 136 -5.26 14.59 -15.12
N ASN A 137 -5.75 15.69 -14.54
CA ASN A 137 -4.92 16.52 -13.67
C ASN A 137 -5.26 16.45 -12.16
N ASN A 138 -4.22 16.31 -11.35
CA ASN A 138 -4.31 16.39 -9.88
C ASN A 138 -5.40 15.52 -9.22
N PHE A 139 -5.21 14.21 -9.25
CA PHE A 139 -6.19 13.29 -8.68
C PHE A 139 -5.56 12.32 -7.70
N TYR A 140 -6.42 11.69 -6.90
CA TYR A 140 -6.01 10.64 -5.98
C TYR A 140 -7.24 9.76 -5.72
N PRO A 141 -7.06 8.42 -5.75
CA PRO A 141 -5.77 7.74 -5.91
C PRO A 141 -5.37 7.57 -7.36
N ARG A 142 -4.27 6.85 -7.56
CA ARG A 142 -3.61 6.74 -8.85
C ARG A 142 -4.44 5.95 -9.88
N GLU A 143 -5.21 4.98 -9.44
CA GLU A 143 -6.00 4.20 -10.37
C GLU A 143 -6.99 5.07 -11.19
N ALA A 144 -6.94 4.92 -12.51
CA ALA A 144 -7.87 5.58 -13.42
C ALA A 144 -7.95 4.85 -14.78
N LYS A 145 -9.09 4.96 -15.45
CA LYS A 145 -9.29 4.35 -16.76
C LYS A 145 -9.46 5.42 -17.81
N VAL A 146 -8.75 5.28 -18.92
CA VAL A 146 -8.98 6.14 -20.07
C VAL A 146 -9.44 5.28 -21.24
N GLN A 147 -10.62 5.59 -21.77
CA GLN A 147 -11.13 4.91 -22.94
C GLN A 147 -11.21 5.92 -24.08
N TRP A 148 -10.60 5.57 -25.21
CA TRP A 148 -10.60 6.41 -26.39
C TRP A 148 -11.63 5.89 -27.39
N LYS A 149 -12.34 6.82 -28.01
CA LYS A 149 -13.29 6.47 -29.06
C LYS A 149 -13.22 7.47 -30.20
N VAL A 150 -13.14 6.95 -31.41
CA VAL A 150 -13.17 7.79 -32.61
C VAL A 150 -14.37 7.37 -33.44
N ASP A 151 -15.31 8.30 -33.62
CA ASP A 151 -16.56 8.01 -34.33
C ASP A 151 -17.21 6.76 -33.77
N ASN A 152 -17.42 6.75 -32.46
CA ASN A 152 -18.05 5.64 -31.74
CA ASN A 152 -18.08 5.62 -31.78
C ASN A 152 -17.30 4.30 -31.84
N ALA A 153 -16.12 4.31 -32.44
CA ALA A 153 -15.31 3.09 -32.51
C ALA A 153 -14.26 3.05 -31.39
N LEU A 154 -14.31 2.01 -30.58
CA LEU A 154 -13.33 1.81 -29.51
C LEU A 154 -11.89 1.69 -30.05
N GLN A 155 -11.00 2.54 -29.55
CA GLN A 155 -9.59 2.46 -29.93
C GLN A 155 -8.87 1.51 -29.01
N SER A 156 -8.03 0.66 -29.57
CA SER A 156 -7.27 -0.25 -28.72
C SER A 156 -5.87 -0.51 -29.22
N GLY A 157 -4.90 -0.32 -28.33
CA GLY A 157 -3.50 -0.56 -28.64
C GLY A 157 -2.81 0.64 -29.25
N ASN A 158 -3.56 1.69 -29.60
CA ASN A 158 -2.93 2.86 -30.22
C ASN A 158 -2.80 4.09 -29.32
N SER A 159 -2.68 3.86 -28.02
CA SER A 159 -2.47 4.95 -27.08
C SER A 159 -1.42 4.57 -26.06
N GLN A 160 -0.78 5.56 -25.46
CA GLN A 160 0.14 5.29 -24.38
C GLN A 160 -0.15 6.23 -23.20
N GLU A 161 0.05 5.71 -21.99
CA GLU A 161 -0.18 6.47 -20.79
C GLU A 161 1.13 6.77 -20.07
N SER A 162 1.17 7.94 -19.42
CA SER A 162 2.28 8.27 -18.54
C SER A 162 1.72 8.88 -17.26
N VAL A 163 2.19 8.42 -16.12
CA VAL A 163 1.71 8.94 -14.86
C VAL A 163 2.86 9.57 -14.07
N THR A 164 2.67 10.80 -13.60
CA THR A 164 3.70 11.45 -12.79
C THR A 164 3.89 10.71 -11.46
N GLU A 165 5.00 11.00 -10.78
CA GLU A 165 5.15 10.55 -9.40
C GLU A 165 4.30 11.45 -8.53
N GLN A 166 4.11 11.06 -7.28
CA GLN A 166 3.27 11.83 -6.38
C GLN A 166 3.79 13.24 -6.13
N ASP A 167 2.90 14.22 -6.21
CA ASP A 167 3.28 15.62 -6.04
C ASP A 167 3.66 15.84 -4.59
N SER A 168 4.80 16.48 -4.39
CA SER A 168 5.36 16.60 -3.06
C SER A 168 4.59 17.61 -2.20
N LYS A 169 3.72 18.40 -2.81
CA LYS A 169 3.00 19.43 -2.06
C LYS A 169 1.55 19.06 -1.76
N ASP A 170 0.87 18.41 -2.69
CA ASP A 170 -0.55 18.09 -2.48
C ASP A 170 -0.87 16.59 -2.60
N SER A 171 0.16 15.79 -2.87
CA SER A 171 0.04 14.32 -2.88
C SER A 171 -0.79 13.72 -4.02
N THR A 172 -1.03 14.48 -5.07
CA THR A 172 -1.83 13.97 -6.19
C THR A 172 -0.98 13.37 -7.32
N TYR A 173 -1.65 12.75 -8.28
CA TYR A 173 -1.00 12.26 -9.47
C TYR A 173 -1.61 12.97 -10.65
N SER A 174 -0.88 13.03 -11.75
CA SER A 174 -1.44 13.51 -13.01
C SER A 174 -1.14 12.46 -14.06
N LEU A 175 -2.02 12.34 -15.06
CA LEU A 175 -1.88 11.29 -16.05
C LEU A 175 -2.10 11.83 -17.44
N SER A 176 -1.31 11.36 -18.39
CA SER A 176 -1.48 11.76 -19.75
C SER A 176 -1.77 10.53 -20.59
N SER A 177 -2.85 10.57 -21.35
CA SER A 177 -3.10 9.52 -22.34
C SER A 177 -3.00 10.12 -23.75
N THR A 178 -2.12 9.53 -24.55
CA THR A 178 -1.85 10.03 -25.90
C THR A 178 -2.28 9.02 -26.97
N LEU A 179 -3.24 9.43 -27.79
CA LEU A 179 -3.70 8.60 -28.91
C LEU A 179 -2.92 9.02 -30.16
N THR A 180 -2.23 8.06 -30.78
CA THR A 180 -1.43 8.36 -31.97
C THR A 180 -1.91 7.62 -33.23
N LEU A 181 -2.19 8.40 -34.27
CA LEU A 181 -2.62 7.86 -35.55
C LEU A 181 -1.98 8.62 -36.70
N SER A 182 -1.96 7.98 -37.87
CA SER A 182 -1.43 8.59 -39.09
C SER A 182 -2.28 9.80 -39.44
N LYS A 183 -1.71 10.76 -40.14
CA LYS A 183 -2.48 11.90 -40.60
C LYS A 183 -3.64 11.42 -41.46
N ALA A 184 -3.38 10.42 -42.31
CA ALA A 184 -4.40 9.88 -43.20
C ALA A 184 -5.60 9.39 -42.40
N ASP A 185 -5.34 8.52 -41.42
CA ASP A 185 -6.42 8.01 -40.58
CA ASP A 185 -6.40 7.99 -40.55
C ASP A 185 -7.12 9.13 -39.81
N TYR A 186 -6.34 10.08 -39.30
CA TYR A 186 -6.92 11.21 -38.57
C TYR A 186 -7.91 11.97 -39.44
N GLU A 187 -7.54 12.25 -40.68
CA GLU A 187 -8.36 13.04 -41.60
C GLU A 187 -9.65 12.32 -42.02
N LYS A 188 -9.67 11.01 -41.85
CA LYS A 188 -10.79 10.20 -42.29
C LYS A 188 -11.93 10.06 -41.25
N HIS A 189 -11.81 10.75 -40.12
CA HIS A 189 -12.79 10.64 -39.04
C HIS A 189 -13.12 12.00 -38.44
N LYS A 190 -14.22 12.08 -37.71
CA LYS A 190 -14.66 13.37 -37.20
C LYS A 190 -14.65 13.53 -35.66
N VAL A 191 -15.23 12.58 -34.92
CA VAL A 191 -15.41 12.75 -33.48
C VAL A 191 -14.36 12.01 -32.65
N TYR A 192 -13.59 12.76 -31.87
CA TYR A 192 -12.53 12.19 -31.05
C TYR A 192 -12.86 12.37 -29.57
N ALA A 193 -13.04 11.26 -28.87
CA ALA A 193 -13.52 11.30 -27.49
C ALA A 193 -12.63 10.55 -26.50
N CYS A 194 -12.41 11.20 -25.37
CA CYS A 194 -11.60 10.67 -24.30
C CYS A 194 -12.54 10.50 -23.10
N GLU A 195 -12.70 9.28 -22.61
CA GLU A 195 -13.61 9.04 -21.50
C GLU A 195 -12.90 8.56 -20.24
N VAL A 196 -13.15 9.25 -19.13
CA VAL A 196 -12.38 9.05 -17.92
C VAL A 196 -13.22 8.49 -16.77
N THR A 197 -12.68 7.46 -16.13
CA THR A 197 -13.33 6.82 -14.99
C THR A 197 -12.41 6.92 -13.78
N HIS A 198 -12.94 7.43 -12.68
CA HIS A 198 -12.15 7.55 -11.45
C HIS A 198 -13.03 7.44 -10.22
N GLN A 199 -12.46 6.93 -9.14
CA GLN A 199 -13.20 6.76 -7.87
C GLN A 199 -13.88 8.05 -7.39
N GLY A 200 -13.25 9.20 -7.66
CA GLY A 200 -13.77 10.50 -7.28
C GLY A 200 -14.88 11.06 -8.16
N LEU A 201 -15.18 10.38 -9.28
CA LEU A 201 -16.26 10.81 -10.16
C LEU A 201 -17.51 9.96 -9.93
N SER A 202 -18.66 10.61 -9.86
CA SER A 202 -19.90 9.88 -9.61
C SER A 202 -20.46 9.45 -10.96
N SER A 203 -19.65 9.62 -12.00
CA SER A 203 -20.09 9.42 -13.37
C SER A 203 -18.88 9.60 -14.30
N PRO A 204 -18.75 8.77 -15.35
CA PRO A 204 -17.61 8.95 -16.26
C PRO A 204 -17.66 10.30 -16.96
N VAL A 205 -16.51 10.95 -17.07
CA VAL A 205 -16.40 12.27 -17.71
C VAL A 205 -15.85 12.13 -19.12
N THR A 206 -16.54 12.73 -20.08
CA THR A 206 -16.10 12.65 -21.47
C THR A 206 -15.69 14.02 -22.00
N LYS A 207 -14.50 14.09 -22.59
CA LYS A 207 -14.07 15.31 -23.26
C LYS A 207 -13.84 14.97 -24.72
N SER A 208 -14.41 15.76 -25.62
CA SER A 208 -14.33 15.44 -27.04
C SER A 208 -14.29 16.66 -27.94
N PHE A 209 -14.01 16.42 -29.22
CA PHE A 209 -14.00 17.48 -30.20
C PHE A 209 -14.22 16.88 -31.57
N ASN A 210 -14.77 17.70 -32.47
CA ASN A 210 -14.85 17.35 -33.87
C ASN A 210 -13.67 17.98 -34.58
N ARG A 211 -12.95 17.18 -35.37
CA ARG A 211 -11.88 17.72 -36.20
C ARG A 211 -12.39 18.93 -37.00
N GLY A 212 -11.75 20.09 -36.80
CA GLY A 212 -12.21 21.32 -37.43
C GLY A 212 -13.54 21.83 -36.88
N VAL B 2 29.78 24.01 -1.10
CA VAL B 2 30.34 22.85 -1.79
C VAL B 2 29.45 22.38 -2.93
N GLN B 3 30.03 22.22 -4.12
CA GLN B 3 29.26 21.78 -5.29
C GLN B 3 30.05 20.80 -6.13
N LEU B 4 29.34 19.82 -6.68
CA LEU B 4 29.91 18.96 -7.71
C LEU B 4 29.01 19.07 -8.92
N LYS B 5 29.61 19.43 -10.05
CA LYS B 5 28.89 19.67 -11.29
CA LYS B 5 28.86 19.57 -11.29
C LYS B 5 29.47 18.77 -12.35
N GLN B 6 28.65 17.88 -12.90
CA GLN B 6 29.11 16.87 -13.86
C GLN B 6 28.84 17.26 -15.32
N SER B 7 29.59 16.64 -16.23
CA SER B 7 29.32 16.83 -17.66
C SER B 7 28.00 16.16 -18.07
N GLY B 8 27.47 16.63 -19.20
CA GLY B 8 26.13 16.27 -19.64
C GLY B 8 25.90 14.86 -20.14
N PRO B 9 24.63 14.44 -20.13
CA PRO B 9 24.18 13.09 -20.46
C PRO B 9 24.41 12.79 -21.94
N GLY B 10 24.50 11.51 -22.28
CA GLY B 10 24.75 11.16 -23.67
C GLY B 10 24.71 9.68 -23.99
N LEU B 11 24.80 9.42 -25.29
CA LEU B 11 24.78 8.08 -25.84
C LEU B 11 26.22 7.55 -25.94
N VAL B 12 26.37 6.26 -25.71
CA VAL B 12 27.64 5.58 -25.91
C VAL B 12 27.35 4.29 -26.69
N GLN B 13 28.15 4.03 -27.72
CA GLN B 13 27.99 2.80 -28.52
CA GLN B 13 27.97 2.80 -28.51
C GLN B 13 28.53 1.61 -27.73
N PRO B 14 27.88 0.43 -27.89
CA PRO B 14 28.37 -0.77 -27.21
C PRO B 14 29.81 -1.09 -27.60
N SER B 15 30.60 -1.59 -26.64
CA SER B 15 32.04 -1.81 -26.77
C SER B 15 32.90 -0.56 -26.60
N GLN B 16 32.27 0.62 -26.59
CA GLN B 16 33.03 1.86 -26.48
C GLN B 16 33.16 2.40 -25.06
N SER B 17 33.85 3.54 -24.93
CA SER B 17 34.23 4.08 -23.63
C SER B 17 33.40 5.26 -23.15
N LEU B 18 33.23 5.35 -21.83
CA LEU B 18 32.49 6.43 -21.21
C LEU B 18 33.43 7.42 -20.54
N SER B 19 33.22 8.72 -20.79
CA SER B 19 34.01 9.76 -20.10
C SER B 19 33.13 10.80 -19.43
N ILE B 20 33.38 11.04 -18.15
CA ILE B 20 32.64 12.07 -17.42
C ILE B 20 33.59 12.98 -16.67
N THR B 21 33.29 14.27 -16.69
CA THR B 21 34.06 15.23 -15.94
C THR B 21 33.22 15.72 -14.78
N CYS B 22 33.87 15.81 -13.62
CA CYS B 22 33.26 16.30 -12.41
C CYS B 22 34.08 17.52 -12.03
N THR B 23 33.43 18.67 -12.03
CA THR B 23 34.11 19.90 -11.62
C THR B 23 33.59 20.33 -10.25
N VAL B 24 34.49 20.52 -9.29
CA VAL B 24 34.08 20.88 -7.95
C VAL B 24 34.43 22.32 -7.59
N SER B 25 33.74 22.83 -6.59
CA SER B 25 34.04 24.13 -6.03
C SER B 25 33.65 24.11 -4.56
N GLY B 26 34.21 25.04 -3.78
CA GLY B 26 33.88 25.13 -2.37
C GLY B 26 34.76 24.25 -1.50
N PHE B 27 35.70 23.57 -2.15
CA PHE B 27 36.72 22.80 -1.47
C PHE B 27 37.81 22.45 -2.48
N SER B 28 38.92 21.91 -2.01
CA SER B 28 40.06 21.61 -2.88
C SER B 28 40.31 20.11 -2.97
N LEU B 29 40.55 19.64 -4.19
CA LEU B 29 40.82 18.23 -4.44
C LEU B 29 42.11 17.76 -3.77
N THR B 30 42.87 18.69 -3.19
CA THR B 30 44.06 18.32 -2.43
C THR B 30 43.70 17.96 -0.99
N ASN B 31 42.47 18.27 -0.60
CA ASN B 31 41.99 18.01 0.77
C ASN B 31 40.98 16.88 0.85
N TYR B 32 40.24 16.66 -0.24
CA TYR B 32 39.20 15.65 -0.24
C TYR B 32 39.30 14.67 -1.41
N GLY B 33 38.97 13.41 -1.11
CA GLY B 33 38.79 12.41 -2.15
C GLY B 33 37.45 12.61 -2.84
N VAL B 34 37.37 12.17 -4.10
CA VAL B 34 36.12 12.24 -4.85
C VAL B 34 35.70 10.84 -5.29
N HIS B 35 34.47 10.46 -4.95
CA HIS B 35 33.99 9.10 -5.22
C HIS B 35 33.07 9.04 -6.44
N TRP B 36 33.01 7.86 -7.06
CA TRP B 36 32.08 7.63 -8.16
C TRP B 36 31.10 6.50 -7.82
N VAL B 37 29.82 6.79 -8.02
CA VAL B 37 28.72 5.87 -7.73
C VAL B 37 27.80 5.85 -8.94
N ARG B 38 27.22 4.71 -9.26
CA ARG B 38 26.21 4.69 -10.30
C ARG B 38 24.92 4.07 -9.78
N GLN B 39 23.84 4.26 -10.54
CA GLN B 39 22.53 3.75 -10.16
C GLN B 39 21.87 3.21 -11.42
N SER B 40 21.68 1.89 -11.49
CA SER B 40 21.13 1.23 -12.67
C SER B 40 19.83 0.51 -12.32
N PRO B 41 19.00 0.20 -13.33
CA PRO B 41 17.75 -0.52 -13.04
C PRO B 41 18.00 -1.91 -12.43
N GLY B 42 19.00 -2.61 -12.94
CA GLY B 42 19.26 -3.96 -12.50
C GLY B 42 19.96 -4.08 -11.16
N LYS B 43 20.99 -3.27 -10.94
CA LYS B 43 21.82 -3.42 -9.75
C LYS B 43 21.72 -2.30 -8.71
N GLY B 44 20.83 -1.33 -8.92
CA GLY B 44 20.62 -0.27 -7.94
C GLY B 44 21.86 0.60 -7.73
N LEU B 45 22.02 1.14 -6.53
CA LEU B 45 23.20 1.94 -6.19
C LEU B 45 24.43 1.05 -6.02
N GLU B 46 25.52 1.48 -6.62
CA GLU B 46 26.69 0.66 -6.78
C GLU B 46 27.91 1.57 -6.71
N TRP B 47 28.74 1.40 -5.68
CA TRP B 47 29.97 2.18 -5.55
C TRP B 47 31.03 1.70 -6.55
N LEU B 48 31.57 2.62 -7.34
CA LEU B 48 32.54 2.26 -8.39
C LEU B 48 34.01 2.41 -7.98
N GLY B 49 34.33 3.54 -7.35
CA GLY B 49 35.69 3.77 -6.90
C GLY B 49 35.89 5.20 -6.41
N VAL B 50 37.14 5.54 -6.12
CA VAL B 50 37.47 6.84 -5.54
C VAL B 50 38.89 7.27 -5.96
N ILE B 51 39.08 8.58 -6.15
CA ILE B 51 40.43 9.12 -6.22
C ILE B 51 40.68 9.97 -4.97
N TRP B 52 41.78 9.68 -4.28
CA TRP B 52 42.11 10.30 -2.99
C TRP B 52 42.89 11.59 -3.17
N SER B 53 42.91 12.41 -2.13
CA SER B 53 43.67 13.68 -2.11
C SER B 53 45.05 13.57 -2.75
N GLY B 54 45.77 12.49 -2.46
CA GLY B 54 47.13 12.30 -2.92
C GLY B 54 47.30 11.60 -4.26
N GLY B 55 46.20 11.34 -4.97
CA GLY B 55 46.29 10.74 -6.29
C GLY B 55 46.07 9.24 -6.36
N ASN B 56 46.04 8.57 -5.22
CA ASN B 56 45.74 7.14 -5.20
C ASN B 56 44.30 6.83 -5.60
N THR B 57 44.10 5.67 -6.20
CA THR B 57 42.78 5.24 -6.61
C THR B 57 42.43 3.87 -6.04
N ASP B 58 41.15 3.66 -5.75
CA ASP B 58 40.63 2.33 -5.48
C ASP B 58 39.48 2.06 -6.43
N TYR B 59 39.43 0.86 -6.99
CA TYR B 59 38.30 0.49 -7.81
C TYR B 59 37.59 -0.71 -7.19
N ASN B 60 36.26 -0.65 -7.16
CA ASN B 60 35.47 -1.82 -6.78
C ASN B 60 35.88 -2.98 -7.69
N THR B 61 35.93 -4.18 -7.12
CA THR B 61 36.48 -5.36 -7.80
C THR B 61 36.08 -5.62 -9.27
N PRO B 62 34.77 -5.61 -9.59
CA PRO B 62 34.37 -5.94 -10.97
C PRO B 62 34.76 -4.87 -11.99
N PHE B 63 35.37 -3.78 -11.56
CA PHE B 63 35.67 -2.69 -12.48
C PHE B 63 37.16 -2.37 -12.56
N THR B 64 37.98 -3.11 -11.80
CA THR B 64 39.41 -2.83 -11.74
C THR B 64 40.12 -2.76 -13.11
N SER B 65 39.64 -3.54 -14.08
CA SER B 65 40.32 -3.65 -15.36
C SER B 65 39.75 -2.73 -16.43
N ARG B 66 38.59 -2.15 -16.15
CA ARG B 66 37.98 -1.27 -17.14
C ARG B 66 37.66 0.12 -16.59
N LEU B 67 38.34 0.52 -15.53
CA LEU B 67 38.04 1.79 -14.91
C LEU B 67 39.31 2.60 -14.68
N SER B 68 39.30 3.87 -15.04
CA SER B 68 40.39 4.74 -14.66
C SER B 68 39.84 6.07 -14.16
N ILE B 69 40.35 6.53 -13.01
CA ILE B 69 39.97 7.83 -12.49
C ILE B 69 41.22 8.71 -12.41
N ASN B 70 41.09 9.95 -12.86
CA ASN B 70 42.18 10.91 -12.88
C ASN B 70 41.68 12.28 -12.48
N LYS B 71 42.60 13.20 -12.20
CA LYS B 71 42.21 14.56 -11.86
C LYS B 71 43.28 15.59 -12.19
N ASP B 72 42.85 16.85 -12.18
CA ASP B 72 43.73 17.99 -12.29
C ASP B 72 43.35 18.91 -11.12
N ASN B 73 44.13 18.87 -10.05
CA ASN B 73 43.88 19.68 -8.85
C ASN B 73 43.65 21.17 -9.14
N SER B 74 44.54 21.75 -9.94
CA SER B 74 44.51 23.17 -10.24
C SER B 74 43.20 23.57 -10.92
N LYS B 75 42.70 22.68 -11.77
CA LYS B 75 41.45 22.92 -12.50
C LYS B 75 40.21 22.47 -11.73
N SER B 76 40.42 21.86 -10.56
CA SER B 76 39.33 21.33 -9.73
C SER B 76 38.49 20.29 -10.46
N GLN B 77 39.11 19.55 -11.37
CA GLN B 77 38.37 18.58 -12.17
C GLN B 77 38.79 17.15 -11.85
N VAL B 78 37.80 16.27 -11.76
CA VAL B 78 38.05 14.83 -11.64
C VAL B 78 37.52 14.17 -12.91
N PHE B 79 38.28 13.23 -13.47
CA PHE B 79 37.91 12.59 -14.73
C PHE B 79 37.62 11.11 -14.57
N PHE B 80 36.43 10.70 -15.00
CA PHE B 80 36.00 9.33 -14.91
C PHE B 80 35.99 8.71 -16.30
N LYS B 81 36.55 7.51 -16.41
CA LYS B 81 36.57 6.80 -17.68
C LYS B 81 36.41 5.28 -17.50
N MET B 82 35.44 4.71 -18.21
CA MET B 82 35.17 3.28 -18.16
C MET B 82 35.13 2.69 -19.57
N ASN B 83 35.78 1.52 -19.74
CA ASN B 83 35.96 0.89 -21.05
C ASN B 83 34.89 -0.16 -21.36
N SER B 84 34.75 -0.46 -22.65
CA SER B 84 33.94 -1.56 -23.15
C SER B 84 32.56 -1.67 -22.49
N LEU B 85 31.72 -0.66 -22.70
CA LEU B 85 30.39 -0.63 -22.12
C LEU B 85 29.45 -1.59 -22.84
N GLN B 86 28.59 -2.24 -22.07
CA GLN B 86 27.50 -3.01 -22.65
C GLN B 86 26.19 -2.38 -22.23
N SER B 87 25.08 -2.82 -22.79
CA SER B 87 23.83 -2.13 -22.55
C SER B 87 23.42 -2.05 -21.07
N ASN B 88 23.83 -3.01 -20.26
CA ASN B 88 23.49 -2.96 -18.83
C ASN B 88 24.41 -2.02 -18.03
N ASP B 89 25.25 -1.26 -18.71
CA ASP B 89 26.01 -0.20 -18.06
C ASP B 89 25.24 1.11 -18.23
N THR B 90 24.08 1.02 -18.86
CA THR B 90 23.15 2.14 -18.88
C THR B 90 22.73 2.44 -17.45
N ALA B 91 23.01 3.66 -17.02
CA ALA B 91 22.78 4.09 -15.63
C ALA B 91 22.96 5.59 -15.46
N ILE B 92 22.63 6.08 -14.28
CA ILE B 92 23.03 7.41 -13.88
C ILE B 92 24.34 7.29 -13.13
N TYR B 93 25.33 8.04 -13.58
CA TYR B 93 26.64 8.06 -12.92
C TYR B 93 26.75 9.34 -12.11
N TYR B 94 27.15 9.20 -10.86
CA TYR B 94 27.35 10.36 -9.99
C TYR B 94 28.76 10.42 -9.48
N CYS B 95 29.26 11.64 -9.31
CA CYS B 95 30.45 11.86 -8.51
C CYS B 95 30.03 12.37 -7.13
N ALA B 96 30.80 12.07 -6.09
CA ALA B 96 30.36 12.42 -4.75
C ALA B 96 31.53 12.67 -3.80
N ARG B 97 31.26 13.44 -2.74
CA ARG B 97 32.27 13.76 -1.75
C ARG B 97 31.77 13.43 -0.34
N ALA B 98 32.67 12.98 0.52
CA ALA B 98 32.30 12.59 1.87
C ALA B 98 32.32 13.78 2.81
N LEU B 99 31.84 13.59 4.03
CA LEU B 99 31.98 14.59 5.09
C LEU B 99 33.45 14.81 5.50
N THR B 100 34.17 13.73 5.82
CA THR B 100 35.59 13.83 6.17
C THR B 100 36.45 13.27 5.04
N TYR B 101 37.71 13.68 4.98
CA TYR B 101 38.61 13.32 3.88
C TYR B 101 38.81 11.81 3.64
N TYR B 102 38.61 10.99 4.66
CA TYR B 102 38.96 9.57 4.59
C TYR B 102 37.73 8.67 4.52
N ASP B 103 36.55 9.26 4.60
CA ASP B 103 35.34 8.49 4.86
C ASP B 103 34.45 8.23 3.63
N TYR B 104 33.27 7.70 3.88
CA TYR B 104 32.40 7.19 2.83
C TYR B 104 30.95 7.60 3.05
N GLU B 105 30.71 8.51 3.97
CA GLU B 105 29.36 9.04 4.12
C GLU B 105 29.19 10.25 3.19
N PHE B 106 28.40 10.05 2.13
CA PHE B 106 28.37 10.98 1.02
C PHE B 106 27.39 12.15 1.20
N ALA B 107 27.91 13.26 1.69
CA ALA B 107 27.09 14.42 1.98
C ALA B 107 26.90 15.33 0.77
N TYR B 108 27.72 15.17 -0.26
CA TYR B 108 27.63 16.02 -1.44
C TYR B 108 27.67 15.19 -2.70
N TRP B 109 26.68 15.38 -3.56
CA TRP B 109 26.58 14.63 -4.80
C TRP B 109 26.50 15.57 -6.01
N GLY B 110 27.07 15.13 -7.11
CA GLY B 110 26.83 15.79 -8.38
C GLY B 110 25.38 15.58 -8.78
N GLN B 111 24.98 16.18 -9.90
CA GLN B 111 23.58 16.11 -10.33
C GLN B 111 23.29 14.81 -11.07
N GLY B 112 24.34 14.03 -11.33
CA GLY B 112 24.20 12.75 -11.99
C GLY B 112 24.24 12.91 -13.50
N THR B 113 24.75 11.89 -14.20
CA THR B 113 24.79 11.91 -15.65
C THR B 113 24.17 10.64 -16.22
N LEU B 114 23.06 10.77 -16.92
CA LEU B 114 22.42 9.61 -17.54
C LEU B 114 23.19 9.16 -18.78
N VAL B 115 23.77 7.97 -18.70
CA VAL B 115 24.48 7.41 -19.82
C VAL B 115 23.69 6.26 -20.38
N THR B 116 23.43 6.31 -21.68
CA THR B 116 22.71 5.27 -22.38
C THR B 116 23.66 4.49 -23.29
N VAL B 117 23.67 3.16 -23.17
CA VAL B 117 24.50 2.35 -24.04
C VAL B 117 23.64 1.66 -25.10
N SER B 118 23.64 2.21 -26.30
CA SER B 118 22.86 1.75 -27.42
C SER B 118 23.59 1.93 -28.73
N ALA B 119 23.21 1.15 -29.70
CA ALA B 119 23.82 1.20 -30.99
C ALA B 119 23.19 2.25 -31.89
N ALA B 120 22.12 2.87 -31.44
CA ALA B 120 21.33 3.80 -32.20
C ALA B 120 22.00 5.12 -32.34
N SER B 121 21.32 6.05 -32.96
CA SER B 121 21.82 7.38 -33.10
C SER B 121 21.08 8.39 -32.25
N THR B 122 21.76 9.48 -31.97
CA THR B 122 21.13 10.59 -31.28
C THR B 122 20.17 11.31 -32.20
N LYS B 123 18.95 11.54 -31.73
CA LYS B 123 17.99 12.33 -32.47
C LYS B 123 17.31 13.35 -31.55
N GLY B 124 17.34 14.62 -31.95
CA GLY B 124 16.65 15.68 -31.22
C GLY B 124 15.15 15.62 -31.40
N PRO B 125 14.39 16.21 -30.45
CA PRO B 125 12.93 16.17 -30.49
C PRO B 125 12.31 17.25 -31.38
N SER B 126 11.13 16.96 -31.89
CA SER B 126 10.24 17.98 -32.42
C SER B 126 9.39 18.46 -31.23
N VAL B 127 9.13 19.76 -31.16
CA VAL B 127 8.28 20.30 -30.10
C VAL B 127 7.01 20.92 -30.69
N PHE B 128 5.85 20.37 -30.31
CA PHE B 128 4.56 20.86 -30.78
C PHE B 128 3.73 21.48 -29.66
N PRO B 129 2.88 22.47 -29.99
CA PRO B 129 2.11 23.10 -28.91
C PRO B 129 0.86 22.27 -28.53
N LEU B 130 0.53 22.26 -27.24
CA LEU B 130 -0.76 21.77 -26.79
C LEU B 130 -1.57 23.00 -26.41
N ALA B 131 -2.31 23.52 -27.38
CA ALA B 131 -2.99 24.80 -27.24
C ALA B 131 -4.18 24.77 -26.28
N PRO B 132 -4.31 25.80 -25.43
CA PRO B 132 -5.49 25.95 -24.57
C PRO B 132 -6.70 26.33 -25.41
N SER B 133 -7.85 25.78 -25.07
CA SER B 133 -9.08 26.14 -25.77
C SER B 133 -10.19 26.25 -24.73
N SER B 134 -11.43 26.05 -25.16
CA SER B 134 -12.54 25.89 -24.23
C SER B 134 -12.65 24.43 -23.80
N LYS B 135 -12.12 23.53 -24.63
CA LYS B 135 -12.08 22.09 -24.34
C LYS B 135 -10.93 21.76 -23.38
N SER B 136 -10.20 22.81 -23.00
CA SER B 136 -9.18 22.71 -21.97
C SER B 136 -9.28 23.85 -20.92
N THR B 137 -10.49 24.40 -20.75
CA THR B 137 -10.73 25.48 -19.77
C THR B 137 -11.94 25.22 -18.86
N SER B 138 -11.69 25.03 -17.57
CA SER B 138 -12.78 24.84 -16.62
C SER B 138 -12.70 25.77 -15.40
N GLY B 139 -13.76 26.57 -15.21
CA GLY B 139 -13.88 27.43 -14.04
C GLY B 139 -12.78 28.47 -13.93
N GLY B 140 -12.48 29.15 -15.04
CA GLY B 140 -11.41 30.12 -15.03
C GLY B 140 -9.99 29.56 -15.12
N THR B 141 -9.82 28.24 -15.07
CA THR B 141 -8.49 27.63 -15.20
C THR B 141 -8.26 27.00 -16.58
N ALA B 142 -7.22 27.44 -17.28
CA ALA B 142 -6.88 26.84 -18.58
C ALA B 142 -5.67 25.91 -18.49
N ALA B 143 -5.70 24.82 -19.23
CA ALA B 143 -4.53 23.93 -19.31
C ALA B 143 -3.84 24.10 -20.65
N LEU B 144 -2.52 24.04 -20.66
CA LEU B 144 -1.77 24.16 -21.90
C LEU B 144 -0.43 23.45 -21.74
N GLY B 145 0.22 23.17 -22.85
CA GLY B 145 1.43 22.37 -22.79
C GLY B 145 2.20 22.26 -24.09
N CYS B 146 3.26 21.46 -24.02
CA CYS B 146 4.09 21.12 -25.18
C CYS B 146 4.20 19.61 -25.32
N LEU B 147 4.08 19.15 -26.55
CA LEU B 147 4.35 17.76 -26.87
C LEU B 147 5.80 17.67 -27.34
N VAL B 148 6.62 16.93 -26.62
CA VAL B 148 8.04 16.78 -26.95
C VAL B 148 8.28 15.40 -27.53
N LYS B 149 8.45 15.34 -28.84
CA LYS B 149 8.28 14.07 -29.54
C LYS B 149 9.49 13.58 -30.33
N ASP B 150 9.70 12.26 -30.30
CA ASP B 150 10.66 11.57 -31.17
C ASP B 150 12.13 11.91 -30.92
N TYR B 151 12.57 11.82 -29.67
CA TYR B 151 13.99 12.06 -29.37
C TYR B 151 14.64 10.77 -28.86
N PHE B 152 15.97 10.76 -28.87
CA PHE B 152 16.75 9.67 -28.31
C PHE B 152 18.19 10.14 -28.08
N PRO B 153 18.76 9.80 -26.93
CA PRO B 153 18.12 9.06 -25.85
C PRO B 153 17.57 10.00 -24.79
N GLU B 154 17.10 9.48 -23.66
CA GLU B 154 16.81 10.31 -22.49
C GLU B 154 18.13 10.97 -22.06
N PRO B 155 18.05 12.10 -21.33
CA PRO B 155 16.85 12.82 -20.92
C PRO B 155 16.64 14.07 -21.75
N VAL B 156 15.54 14.75 -21.48
CA VAL B 156 15.33 16.09 -21.99
C VAL B 156 14.83 16.93 -20.81
N THR B 157 15.26 18.17 -20.72
CA THR B 157 14.74 19.05 -19.69
C THR B 157 13.69 19.97 -20.28
N VAL B 158 12.68 20.27 -19.49
CA VAL B 158 11.64 21.19 -19.88
C VAL B 158 11.41 22.16 -18.73
N SER B 159 11.37 23.44 -19.03
CA SER B 159 10.95 24.44 -18.07
C SER B 159 9.96 25.34 -18.78
N TRP B 160 9.41 26.30 -18.05
CA TRP B 160 8.44 27.21 -18.59
C TRP B 160 8.82 28.65 -18.27
N ASN B 161 8.63 29.53 -19.25
CA ASN B 161 8.99 30.95 -19.15
C ASN B 161 10.35 31.15 -18.52
N SER B 162 11.32 30.43 -19.07
CA SER B 162 12.72 30.51 -18.61
C SER B 162 12.90 30.28 -17.12
N GLY B 163 12.12 29.39 -16.54
CA GLY B 163 12.22 29.11 -15.11
C GLY B 163 11.26 29.91 -14.26
N ALA B 164 10.71 30.99 -14.80
CA ALA B 164 9.83 31.85 -14.00
C ALA B 164 8.45 31.22 -13.72
N LEU B 165 8.07 30.19 -14.47
CA LEU B 165 6.79 29.53 -14.22
C LEU B 165 6.98 28.10 -13.74
N THR B 166 6.72 27.85 -12.46
CA THR B 166 6.90 26.51 -11.90
C THR B 166 5.64 25.87 -11.30
N SER B 167 4.78 26.67 -10.68
CA SER B 167 3.62 26.06 -10.04
C SER B 167 2.61 25.58 -11.09
N GLY B 168 2.02 24.42 -10.86
CA GLY B 168 1.02 23.91 -11.77
C GLY B 168 1.63 23.17 -12.94
N VAL B 169 2.96 23.04 -12.94
CA VAL B 169 3.68 22.35 -14.03
C VAL B 169 3.78 20.85 -13.78
N HIS B 170 3.42 20.04 -14.79
CA HIS B 170 3.69 18.60 -14.71
C HIS B 170 4.42 18.16 -15.96
N THR B 171 5.64 17.68 -15.79
CA THR B 171 6.35 17.13 -16.93
C THR B 171 6.33 15.61 -16.84
N PHE B 172 5.61 14.98 -17.75
CA PHE B 172 5.40 13.53 -17.66
C PHE B 172 6.66 12.74 -17.95
N PRO B 173 6.79 11.58 -17.30
CA PRO B 173 7.86 10.63 -17.60
C PRO B 173 7.79 10.23 -19.08
N ALA B 174 8.93 10.18 -19.75
CA ALA B 174 8.99 9.76 -21.15
C ALA B 174 8.48 8.33 -21.34
N VAL B 175 7.88 8.06 -22.50
CA VAL B 175 7.56 6.71 -22.87
C VAL B 175 8.29 6.38 -24.16
N LEU B 176 8.64 5.11 -24.31
CA LEU B 176 9.35 4.63 -25.48
C LEU B 176 8.32 4.19 -26.52
N GLN B 177 8.37 4.79 -27.70
CA GLN B 177 7.48 4.41 -28.78
C GLN B 177 8.03 3.18 -29.51
N SER B 178 7.22 2.60 -30.39
CA SER B 178 7.59 1.39 -31.11
C SER B 178 8.80 1.66 -32.00
N SER B 179 8.95 2.92 -32.38
CA SER B 179 10.07 3.38 -33.19
C SER B 179 11.39 3.35 -32.43
N GLY B 180 11.34 3.20 -31.11
CA GLY B 180 12.54 3.21 -30.30
C GLY B 180 12.94 4.63 -29.94
N LEU B 181 11.99 5.55 -30.10
CA LEU B 181 12.21 6.94 -29.76
C LEU B 181 11.27 7.33 -28.65
N TYR B 182 11.69 8.29 -27.82
CA TYR B 182 10.92 8.71 -26.66
C TYR B 182 9.99 9.85 -26.99
N SER B 183 8.90 9.93 -26.25
CA SER B 183 7.97 11.04 -26.35
C SER B 183 7.43 11.40 -24.97
N LEU B 184 7.26 12.71 -24.72
CA LEU B 184 6.58 13.15 -23.52
C LEU B 184 5.76 14.42 -23.75
N SER B 185 4.84 14.68 -22.83
CA SER B 185 4.21 15.99 -22.75
C SER B 185 4.59 16.71 -21.46
N SER B 186 4.55 18.04 -21.51
CA SER B 186 4.70 18.86 -20.33
C SER B 186 3.51 19.80 -20.30
N VAL B 187 2.81 19.85 -19.16
CA VAL B 187 1.61 20.68 -19.08
C VAL B 187 1.70 21.68 -17.94
N VAL B 188 0.86 22.70 -18.01
CA VAL B 188 0.76 23.66 -16.92
C VAL B 188 -0.67 24.18 -16.91
N THR B 189 -1.21 24.44 -15.72
CA THR B 189 -2.52 25.09 -15.63
C THR B 189 -2.35 26.56 -15.21
N VAL B 190 -3.10 27.45 -15.84
CA VAL B 190 -2.98 28.88 -15.60
C VAL B 190 -4.37 29.50 -15.54
N PRO B 191 -4.48 30.73 -15.00
CA PRO B 191 -5.77 31.42 -15.10
C PRO B 191 -6.11 31.67 -16.57
N SER B 192 -7.34 31.40 -16.99
CA SER B 192 -7.72 31.68 -18.36
C SER B 192 -7.65 33.17 -18.67
N SER B 193 -7.88 34.02 -17.67
CA SER B 193 -7.84 35.47 -17.87
C SER B 193 -6.46 36.01 -18.25
N SER B 194 -5.44 35.16 -18.07
CA SER B 194 -4.08 35.58 -18.35
C SER B 194 -3.64 35.22 -19.78
N LEU B 195 -4.47 34.47 -20.49
CA LEU B 195 -4.09 33.99 -21.82
C LEU B 195 -3.96 35.11 -22.85
N GLY B 196 -4.56 36.27 -22.58
CA GLY B 196 -4.46 37.40 -23.49
C GLY B 196 -3.28 38.32 -23.20
N THR B 197 -2.70 38.14 -22.01
CA THR B 197 -1.72 39.08 -21.48
C THR B 197 -0.32 38.48 -21.38
N GLN B 198 -0.24 37.26 -20.84
CA GLN B 198 1.03 36.59 -20.63
C GLN B 198 1.39 35.70 -21.81
N THR B 199 2.67 35.61 -22.09
CA THR B 199 3.13 34.65 -23.07
C THR B 199 3.52 33.36 -22.34
N TYR B 200 3.26 32.23 -22.98
CA TYR B 200 3.64 30.94 -22.41
C TYR B 200 4.60 30.19 -23.32
N ILE B 201 5.78 29.88 -22.78
CA ILE B 201 6.83 29.27 -23.57
C ILE B 201 7.41 28.07 -22.83
N CYS B 202 7.42 26.91 -23.50
CA CYS B 202 8.17 25.81 -22.95
C CYS B 202 9.61 25.86 -23.47
N ASN B 203 10.57 25.85 -22.54
CA ASN B 203 11.98 25.80 -22.89
C ASN B 203 12.45 24.37 -22.83
N VAL B 204 12.69 23.81 -24.03
CA VAL B 204 13.10 22.43 -24.19
C VAL B 204 14.59 22.35 -24.47
N ASN B 205 15.28 21.45 -23.78
CA ASN B 205 16.72 21.24 -24.00
C ASN B 205 17.05 19.76 -24.01
N HIS B 206 17.46 19.26 -25.17
CA HIS B 206 17.91 17.88 -25.31
C HIS B 206 19.42 17.88 -25.49
N LYS B 207 20.12 17.83 -24.37
CA LYS B 207 21.58 17.88 -24.36
C LYS B 207 22.35 16.86 -25.21
N PRO B 208 21.92 15.57 -25.24
CA PRO B 208 22.67 14.61 -26.06
C PRO B 208 22.76 14.99 -27.55
N SER B 209 21.81 15.76 -28.05
CA SER B 209 21.82 16.18 -29.46
C SER B 209 22.05 17.69 -29.60
N ASN B 210 22.28 18.34 -28.46
CA ASN B 210 22.40 19.81 -28.43
C ASN B 210 21.21 20.52 -29.06
N THR B 211 20.00 19.99 -28.85
CA THR B 211 18.83 20.62 -29.43
C THR B 211 18.09 21.46 -28.40
N LYS B 212 18.03 22.76 -28.65
CA LYS B 212 17.35 23.71 -27.77
C LYS B 212 16.22 24.38 -28.55
N VAL B 213 15.00 24.23 -28.07
CA VAL B 213 13.85 24.85 -28.72
C VAL B 213 13.04 25.58 -27.68
N ASP B 214 12.65 26.81 -28.00
CA ASP B 214 11.66 27.53 -27.21
C ASP B 214 10.35 27.52 -27.99
N LYS B 215 9.30 26.96 -27.42
CA LYS B 215 8.03 26.88 -28.13
C LYS B 215 6.97 27.73 -27.47
N ARG B 216 6.49 28.73 -28.18
CA ARG B 216 5.38 29.57 -27.74
C ARG B 216 4.05 28.82 -27.91
N VAL B 217 3.22 28.81 -26.87
CA VAL B 217 1.95 28.09 -26.91
C VAL B 217 0.77 29.04 -26.75
N GLU B 218 -0.05 29.16 -27.79
CA GLU B 218 -1.11 30.17 -27.87
C GLU B 218 -2.47 29.54 -28.00
N PRO B 219 -3.52 30.20 -27.49
CA PRO B 219 -4.85 29.64 -27.72
C PRO B 219 -5.18 29.67 -29.20
N LYS B 220 -5.93 28.70 -29.69
CA LYS B 220 -6.30 28.66 -31.11
C LYS B 220 -7.74 29.12 -31.32
N ASP C 1 4.93 0.97 32.28
CA ASP C 1 4.99 -0.29 31.54
C ASP C 1 6.00 -0.23 30.39
N ILE C 2 6.40 -1.40 29.90
CA ILE C 2 7.24 -1.47 28.71
C ILE C 2 6.40 -1.22 27.47
N LEU C 3 6.79 -0.23 26.67
CA LEU C 3 6.15 0.00 25.38
C LEU C 3 6.80 -0.87 24.29
N LEU C 4 5.98 -1.48 23.45
CA LEU C 4 6.49 -2.26 22.33
C LEU C 4 6.05 -1.62 21.02
N THR C 5 7.02 -1.25 20.19
CA THR C 5 6.72 -0.60 18.92
C THR C 5 6.93 -1.58 17.79
N GLN C 6 5.85 -1.99 17.13
CA GLN C 6 5.93 -2.87 15.96
C GLN C 6 5.86 -2.10 14.66
N SER C 7 6.71 -2.47 13.71
CA SER C 7 6.69 -1.87 12.38
C SER C 7 6.96 -2.95 11.33
N PRO C 8 6.41 -2.78 10.12
CA PRO C 8 5.49 -1.69 9.78
C PRO C 8 4.06 -1.97 10.27
N VAL C 9 3.22 -0.96 10.13
CA VAL C 9 1.80 -1.12 10.42
C VAL C 9 1.20 -2.15 9.46
N ILE C 10 1.44 -1.96 8.17
CA ILE C 10 0.99 -2.87 7.13
C ILE C 10 2.20 -3.44 6.39
N LEU C 11 2.28 -4.77 6.34
CA LEU C 11 3.38 -5.40 5.64
C LEU C 11 2.90 -6.12 4.36
N SER C 12 3.13 -5.47 3.22
CA SER C 12 2.69 -5.98 1.92
C SER C 12 3.86 -6.65 1.17
N VAL C 13 3.74 -7.94 0.89
CA VAL C 13 4.83 -8.68 0.27
C VAL C 13 4.35 -9.64 -0.80
N SER C 14 5.26 -10.08 -1.66
CA SER C 14 4.96 -11.04 -2.70
C SER C 14 5.19 -12.47 -2.21
N PRO C 15 4.36 -13.42 -2.65
CA PRO C 15 4.47 -14.81 -2.20
C PRO C 15 5.84 -15.41 -2.49
N GLY C 16 6.37 -16.18 -1.54
CA GLY C 16 7.66 -16.83 -1.72
C GLY C 16 8.83 -16.02 -1.19
N GLU C 17 8.61 -14.72 -0.99
CA GLU C 17 9.64 -13.85 -0.44
C GLU C 17 9.93 -14.16 1.03
N ARG C 18 11.10 -13.71 1.50
CA ARG C 18 11.39 -13.72 2.93
C ARG C 18 10.68 -12.52 3.56
N VAL C 19 10.19 -12.68 4.78
CA VAL C 19 9.40 -11.65 5.45
C VAL C 19 9.91 -11.38 6.87
N SER C 20 10.06 -10.10 7.22
CA SER C 20 10.61 -9.69 8.51
C SER C 20 9.76 -8.69 9.29
N PHE C 21 9.28 -9.10 10.46
CA PHE C 21 8.51 -8.21 11.32
C PHE C 21 9.39 -7.61 12.39
N SER C 22 9.23 -6.31 12.63
CA SER C 22 10.05 -5.61 13.60
C SER C 22 9.30 -5.27 14.89
N CYS C 23 9.94 -5.52 16.02
CA CYS C 23 9.39 -5.19 17.33
C CYS C 23 10.49 -4.56 18.20
N ARG C 24 10.30 -3.29 18.55
CA ARG C 24 11.30 -2.58 19.34
C ARG C 24 10.75 -2.28 20.71
N ALA C 25 11.57 -2.55 21.72
CA ALA C 25 11.20 -2.34 23.12
C ALA C 25 11.68 -0.97 23.62
N SER C 26 10.92 -0.38 24.54
CA SER C 26 11.24 0.96 25.04
C SER C 26 12.47 0.97 25.96
N GLN C 27 12.83 -0.21 26.46
CA GLN C 27 14.07 -0.40 27.20
C GLN C 27 14.51 -1.86 27.08
N SER C 28 15.72 -2.18 27.53
CA SER C 28 16.23 -3.53 27.37
C SER C 28 15.39 -4.60 28.07
N ILE C 29 15.19 -5.73 27.40
CA ILE C 29 14.38 -6.81 27.93
C ILE C 29 15.00 -8.19 27.67
N GLY C 30 16.30 -8.22 27.43
CA GLY C 30 17.01 -9.46 27.20
C GLY C 30 16.53 -10.17 25.95
N THR C 31 16.08 -11.42 26.11
CA THR C 31 15.41 -12.13 25.03
C THR C 31 13.97 -12.50 25.41
N ASN C 32 13.37 -11.74 26.32
CA ASN C 32 12.06 -12.08 26.86
C ASN C 32 10.89 -11.59 26.01
N ILE C 33 10.83 -12.10 24.78
CA ILE C 33 9.87 -11.68 23.76
C ILE C 33 9.17 -12.94 23.23
N HIS C 34 7.85 -12.87 23.10
CA HIS C 34 7.10 -13.96 22.47
C HIS C 34 6.30 -13.42 21.27
N TRP C 35 6.07 -14.27 20.28
CA TRP C 35 5.36 -13.84 19.07
C TRP C 35 4.09 -14.66 18.87
N TYR C 36 3.07 -14.02 18.33
CA TYR C 36 1.79 -14.67 18.09
C TYR C 36 1.25 -14.37 16.72
N GLN C 37 0.47 -15.31 16.20
CA GLN C 37 -0.25 -15.13 14.95
C GLN C 37 -1.75 -15.08 15.28
N GLN C 38 -2.48 -14.16 14.65
CA GLN C 38 -3.93 -14.14 14.76
C GLN C 38 -4.55 -14.11 13.36
N ARG C 39 -5.20 -15.22 13.02
CA ARG C 39 -5.94 -15.33 11.78
C ARG C 39 -7.37 -14.84 11.97
N THR C 40 -8.04 -14.56 10.86
CA THR C 40 -9.44 -14.14 10.87
C THR C 40 -10.35 -15.02 11.74
N ASN C 41 -11.08 -14.37 12.65
CA ASN C 41 -11.95 -15.05 13.62
C ASN C 41 -11.22 -15.97 14.61
N GLY C 42 -9.89 -15.95 14.61
CA GLY C 42 -9.14 -16.84 15.46
C GLY C 42 -8.67 -16.24 16.78
N SER C 43 -8.17 -17.09 17.66
CA SER C 43 -7.53 -16.63 18.87
C SER C 43 -6.04 -16.49 18.51
N PRO C 44 -5.28 -15.72 19.30
CA PRO C 44 -3.84 -15.66 19.04
C PRO C 44 -3.22 -17.05 19.17
N ARG C 45 -2.22 -17.33 18.35
CA ARG C 45 -1.55 -18.63 18.33
C ARG C 45 -0.06 -18.34 18.51
N LEU C 46 0.54 -18.95 19.54
CA LEU C 46 1.95 -18.78 19.84
C LEU C 46 2.88 -19.36 18.76
N LEU C 47 3.84 -18.56 18.31
CA LEU C 47 4.75 -18.92 17.22
C LEU C 47 6.18 -19.15 17.68
N ILE C 48 6.65 -18.25 18.54
CA ILE C 48 8.05 -18.22 18.96
C ILE C 48 8.07 -17.76 20.40
N LYS C 49 8.89 -18.40 21.23
CA LYS C 49 9.02 -17.95 22.62
C LYS C 49 10.47 -17.61 22.92
N TYR C 50 10.67 -16.61 23.76
CA TYR C 50 12.00 -16.18 24.19
C TYR C 50 12.88 -15.82 23.01
N ALA C 51 12.33 -14.97 22.14
CA ALA C 51 13.04 -14.40 20.99
C ALA C 51 13.26 -15.36 19.82
N SER C 52 13.64 -16.61 20.09
CA SER C 52 14.12 -17.48 19.03
C SER C 52 13.74 -18.95 19.11
N GLU C 53 13.08 -19.35 20.19
CA GLU C 53 12.87 -20.78 20.44
C GLU C 53 11.58 -21.31 19.81
N SER C 54 11.65 -22.46 19.18
CA SER C 54 10.52 -22.98 18.42
C SER C 54 9.42 -23.59 19.30
N ILE C 55 8.22 -23.68 18.73
CA ILE C 55 7.05 -24.22 19.42
C ILE C 55 6.57 -25.44 18.64
N SER C 56 6.20 -26.48 19.36
CA SER C 56 5.73 -27.71 18.70
C SER C 56 4.47 -27.43 17.89
N GLY C 57 4.51 -27.77 16.61
CA GLY C 57 3.35 -27.64 15.74
C GLY C 57 3.46 -26.51 14.73
N ILE C 58 4.42 -25.60 14.95
CA ILE C 58 4.58 -24.44 14.08
C ILE C 58 5.56 -24.76 12.94
N PRO C 59 5.17 -24.42 11.70
CA PRO C 59 6.02 -24.66 10.54
C PRO C 59 7.41 -24.06 10.74
N SER C 60 8.41 -24.80 10.29
CA SER C 60 9.83 -24.44 10.43
C SER C 60 10.17 -23.16 9.70
N ARG C 61 9.28 -22.70 8.83
CA ARG C 61 9.56 -21.46 8.09
C ARG C 61 9.51 -20.23 9.00
N PHE C 62 8.87 -20.34 10.16
CA PHE C 62 8.92 -19.26 11.13
C PHE C 62 10.18 -19.37 11.96
N SER C 63 10.83 -18.25 12.20
CA SER C 63 11.89 -18.19 13.20
C SER C 63 11.93 -16.80 13.82
N GLY C 64 12.78 -16.63 14.84
CA GLY C 64 12.94 -15.33 15.47
C GLY C 64 14.37 -15.05 15.91
N SER C 65 14.70 -13.77 16.03
CA SER C 65 16.03 -13.38 16.47
C SER C 65 15.97 -12.04 17.22
N GLY C 66 17.06 -11.71 17.91
CA GLY C 66 17.15 -10.43 18.58
C GLY C 66 17.42 -10.55 20.04
N SER C 67 17.95 -9.47 20.63
CA SER C 67 18.20 -9.41 22.06
C SER C 67 18.48 -7.96 22.45
N GLY C 68 18.04 -7.57 23.63
CA GLY C 68 18.16 -6.19 24.05
C GLY C 68 16.88 -5.43 23.83
N THR C 69 16.78 -4.71 22.71
CA THR C 69 15.58 -3.94 22.42
C THR C 69 14.97 -4.23 21.06
N ASP C 70 15.79 -4.74 20.13
CA ASP C 70 15.34 -4.97 18.77
C ASP C 70 15.10 -6.45 18.47
N PHE C 71 13.93 -6.77 17.93
CA PHE C 71 13.55 -8.16 17.72
C PHE C 71 12.90 -8.32 16.36
N THR C 72 13.03 -9.52 15.83
CA THR C 72 12.56 -9.83 14.50
C THR C 72 11.83 -11.17 14.45
N LEU C 73 10.66 -11.19 13.81
CA LEU C 73 9.98 -12.44 13.48
C LEU C 73 10.15 -12.69 11.98
N SER C 74 10.57 -13.90 11.61
CA SER C 74 10.90 -14.16 10.21
C SER C 74 10.10 -15.32 9.62
N ILE C 75 9.64 -15.11 8.39
CA ILE C 75 9.03 -16.18 7.60
C ILE C 75 9.85 -16.29 6.33
N ASN C 76 10.65 -17.35 6.22
CA ASN C 76 11.66 -17.44 5.15
C ASN C 76 11.09 -17.49 3.72
N SER C 77 9.85 -17.94 3.60
CA SER C 77 9.20 -18.09 2.30
C SER C 77 7.70 -17.98 2.49
N VAL C 78 7.21 -16.75 2.49
CA VAL C 78 5.82 -16.47 2.85
C VAL C 78 4.82 -17.17 1.94
N GLU C 79 3.75 -17.68 2.54
CA GLU C 79 2.66 -18.33 1.80
C GLU C 79 1.34 -17.61 2.05
N SER C 80 0.32 -17.95 1.27
CA SER C 80 -0.97 -17.30 1.39
C SER C 80 -1.67 -17.63 2.71
N GLU C 81 -1.44 -18.83 3.23
CA GLU C 81 -2.05 -19.16 4.51
C GLU C 81 -1.37 -18.45 5.69
N ASP C 82 -0.33 -17.69 5.42
CA ASP C 82 0.30 -16.87 6.46
C ASP C 82 -0.39 -15.52 6.63
N ILE C 83 -1.35 -15.22 5.77
CA ILE C 83 -2.13 -14.00 5.91
C ILE C 83 -2.82 -13.96 7.26
N ALA C 84 -2.47 -12.94 8.05
CA ALA C 84 -2.86 -12.83 9.45
C ALA C 84 -2.25 -11.57 10.04
N ASP C 85 -2.52 -11.34 11.32
CA ASP C 85 -1.81 -10.31 12.07
C ASP C 85 -0.75 -10.95 12.96
N TYR C 86 0.30 -10.20 13.27
CA TYR C 86 1.40 -10.73 14.06
C TYR C 86 1.71 -9.83 15.24
N TYR C 87 1.77 -10.41 16.43
CA TYR C 87 1.95 -9.66 17.65
C TYR C 87 3.21 -10.07 18.38
N CYS C 88 3.83 -9.12 19.06
CA CYS C 88 4.92 -9.45 19.97
C CYS C 88 4.50 -9.15 21.43
N GLN C 89 5.07 -9.91 22.37
CA GLN C 89 4.77 -9.73 23.78
C GLN C 89 6.09 -9.76 24.57
N GLN C 90 6.21 -8.89 25.56
CA GLN C 90 7.39 -8.91 26.42
C GLN C 90 6.98 -9.34 27.81
N ASN C 91 7.84 -10.09 28.49
CA ASN C 91 7.62 -10.42 29.89
C ASN C 91 8.90 -10.35 30.75
N ASN C 92 9.73 -9.36 30.48
CA ASN C 92 10.86 -9.07 31.36
C ASN C 92 10.43 -8.15 32.51
N ASN C 93 9.41 -7.33 32.27
CA ASN C 93 8.86 -6.45 33.29
C ASN C 93 7.38 -6.69 33.53
N TRP C 94 6.96 -6.67 34.80
CA TRP C 94 5.54 -6.77 35.12
C TRP C 94 4.93 -5.40 34.95
N PRO C 95 3.75 -5.33 34.33
CA PRO C 95 3.02 -6.49 33.80
C PRO C 95 3.43 -6.80 32.36
N THR C 96 3.10 -8.01 31.92
CA THR C 96 3.36 -8.38 30.54
C THR C 96 2.51 -7.52 29.60
N THR C 97 3.14 -7.08 28.52
CA THR C 97 2.48 -6.18 27.57
C THR C 97 2.67 -6.66 26.15
N PHE C 98 1.83 -6.15 25.24
CA PHE C 98 1.88 -6.57 23.84
C PHE C 98 2.13 -5.39 22.92
N GLY C 99 2.72 -5.65 21.75
CA GLY C 99 2.78 -4.65 20.70
C GLY C 99 1.40 -4.41 20.08
N ALA C 100 1.30 -3.44 19.17
CA ALA C 100 0.03 -3.12 18.53
C ALA C 100 -0.23 -3.95 17.25
N GLY C 101 0.78 -4.68 16.79
CA GLY C 101 0.59 -5.62 15.71
C GLY C 101 0.99 -5.13 14.35
N THR C 102 1.31 -6.06 13.46
CA THR C 102 1.61 -5.79 12.06
C THR C 102 0.67 -6.64 11.21
N LYS C 103 0.06 -6.04 10.20
CA LYS C 103 -0.84 -6.78 9.30
C LYS C 103 -0.06 -7.33 8.11
N LEU C 104 -0.21 -8.63 7.87
CA LEU C 104 0.46 -9.22 6.71
C LEU C 104 -0.51 -9.30 5.53
N GLU C 105 -0.15 -8.60 4.45
CA GLU C 105 -0.90 -8.56 3.21
C GLU C 105 -0.13 -9.30 2.12
N LEU C 106 -0.83 -10.02 1.25
CA LEU C 106 -0.16 -10.68 0.14
C LEU C 106 -0.50 -10.08 -1.21
N LYS C 107 0.52 -9.90 -2.04
CA LYS C 107 0.35 -9.37 -3.38
C LYS C 107 0.05 -10.52 -4.34
N ARG C 108 -0.71 -10.22 -5.39
CA ARG C 108 -1.02 -11.20 -6.41
C ARG C 108 -1.43 -10.50 -7.70
N THR C 109 -1.71 -11.28 -8.74
CA THR C 109 -2.11 -10.72 -10.01
C THR C 109 -3.52 -10.16 -9.88
N VAL C 110 -3.75 -9.05 -10.55
CA VAL C 110 -5.07 -8.46 -10.72
C VAL C 110 -6.10 -9.52 -11.14
N ALA C 111 -7.21 -9.61 -10.40
CA ALA C 111 -8.34 -10.44 -10.80
C ALA C 111 -9.62 -9.62 -10.75
N ALA C 112 -10.40 -9.71 -11.83
CA ALA C 112 -11.66 -9.00 -11.92
C ALA C 112 -12.72 -9.70 -11.06
N PRO C 113 -13.63 -8.91 -10.48
CA PRO C 113 -14.71 -9.52 -9.69
C PRO C 113 -15.77 -10.18 -10.57
N SER C 114 -16.32 -11.29 -10.10
CA SER C 114 -17.57 -11.81 -10.61
C SER C 114 -18.71 -11.14 -9.84
N VAL C 115 -19.68 -10.61 -10.56
CA VAL C 115 -20.76 -9.85 -9.96
C VAL C 115 -22.10 -10.60 -10.00
N PHE C 116 -22.87 -10.48 -8.91
CA PHE C 116 -24.17 -11.12 -8.80
C PHE C 116 -25.16 -10.17 -8.11
N ILE C 117 -26.41 -10.12 -8.61
CA ILE C 117 -27.44 -9.31 -7.97
C ILE C 117 -28.57 -10.16 -7.36
N PHE C 118 -29.07 -9.72 -6.22
CA PHE C 118 -30.12 -10.44 -5.49
C PHE C 118 -31.28 -9.52 -5.12
N PRO C 119 -32.46 -9.77 -5.68
CA PRO C 119 -33.65 -9.00 -5.31
C PRO C 119 -34.05 -9.32 -3.88
N PRO C 120 -34.84 -8.44 -3.27
CA PRO C 120 -35.35 -8.76 -1.93
C PRO C 120 -36.31 -9.94 -2.00
N SER C 121 -36.46 -10.66 -0.89
CA SER C 121 -37.33 -11.82 -0.84
C SER C 121 -38.74 -11.36 -0.54
N ASP C 122 -39.74 -12.17 -0.93
CA ASP C 122 -41.12 -11.82 -0.64
C ASP C 122 -41.34 -11.79 0.86
N GLU C 123 -40.62 -12.64 1.59
CA GLU C 123 -40.75 -12.69 3.04
CA GLU C 123 -40.77 -12.68 3.04
C GLU C 123 -40.33 -11.38 3.70
N GLN C 124 -39.22 -10.81 3.24
CA GLN C 124 -38.77 -9.53 3.80
C GLN C 124 -39.74 -8.37 3.48
N LEU C 125 -40.28 -8.36 2.27
CA LEU C 125 -41.17 -7.25 1.84
C LEU C 125 -42.33 -6.99 2.83
N LYS C 126 -42.91 -8.06 3.36
CA LYS C 126 -44.04 -7.90 4.27
C LYS C 126 -43.63 -7.31 5.62
N SER C 127 -42.33 -7.03 5.80
CA SER C 127 -41.91 -6.36 7.01
C SER C 127 -41.84 -4.85 6.76
N GLY C 128 -42.01 -4.45 5.50
CA GLY C 128 -42.01 -3.04 5.15
C GLY C 128 -40.72 -2.53 4.53
N THR C 129 -39.71 -3.41 4.44
CA THR C 129 -38.38 -3.04 3.97
C THR C 129 -37.89 -3.98 2.88
N ALA C 130 -37.19 -3.44 1.88
CA ALA C 130 -36.56 -4.27 0.85
C ALA C 130 -35.04 -4.10 0.90
N SER C 131 -34.30 -5.19 1.04
CA SER C 131 -32.84 -5.16 0.89
C SER C 131 -32.44 -5.71 -0.47
N VAL C 132 -31.65 -4.94 -1.21
CA VAL C 132 -31.16 -5.42 -2.49
C VAL C 132 -29.64 -5.59 -2.38
N VAL C 133 -29.16 -6.78 -2.72
CA VAL C 133 -27.77 -7.11 -2.46
C VAL C 133 -26.98 -7.35 -3.73
N CYS C 134 -25.77 -6.81 -3.75
CA CYS C 134 -24.87 -7.01 -4.86
C CYS C 134 -23.55 -7.61 -4.39
N LEU C 135 -23.16 -8.72 -5.00
CA LEU C 135 -21.97 -9.45 -4.58
C LEU C 135 -20.86 -9.29 -5.61
N LEU C 136 -19.67 -8.91 -5.14
CA LEU C 136 -18.46 -8.94 -5.99
C LEU C 136 -17.56 -9.99 -5.41
N ASN C 137 -17.29 -11.03 -6.18
CA ASN C 137 -16.62 -12.21 -5.66
C ASN C 137 -15.17 -12.38 -6.15
N ASN C 138 -14.28 -12.67 -5.20
CA ASN C 138 -12.91 -13.11 -5.50
C ASN C 138 -12.09 -12.23 -6.43
N PHE C 139 -11.74 -11.03 -6.00
CA PHE C 139 -11.07 -10.06 -6.86
C PHE C 139 -9.86 -9.46 -6.16
N TYR C 140 -8.97 -8.85 -6.94
CA TYR C 140 -7.79 -8.18 -6.41
C TYR C 140 -7.41 -7.09 -7.39
N PRO C 141 -7.05 -5.90 -6.88
CA PRO C 141 -6.87 -5.55 -5.47
C PRO C 141 -8.19 -5.21 -4.74
N ARG C 142 -8.07 -4.82 -3.48
CA ARG C 142 -9.23 -4.62 -2.62
C ARG C 142 -10.17 -3.48 -3.07
N GLU C 143 -9.64 -2.46 -3.75
CA GLU C 143 -10.47 -1.31 -4.13
CA GLU C 143 -10.42 -1.30 -4.16
C GLU C 143 -11.41 -1.59 -5.30
N ALA C 144 -12.67 -1.20 -5.12
CA ALA C 144 -13.70 -1.46 -6.09
C ALA C 144 -14.80 -0.49 -5.81
N LYS C 145 -15.57 -0.14 -6.84
CA LYS C 145 -16.67 0.79 -6.66
C LYS C 145 -17.99 0.20 -7.15
N VAL C 146 -19.01 0.28 -6.30
CA VAL C 146 -20.33 -0.19 -6.64
C VAL C 146 -21.27 0.99 -6.66
N GLN C 147 -22.01 1.15 -7.74
CA GLN C 147 -23.05 2.16 -7.82
C GLN C 147 -24.40 1.51 -8.06
N TRP C 148 -25.40 1.94 -7.30
CA TRP C 148 -26.77 1.49 -7.51
C TRP C 148 -27.58 2.47 -8.35
N LYS C 149 -28.27 1.92 -9.35
CA LYS C 149 -29.23 2.69 -10.11
C LYS C 149 -30.60 2.05 -10.00
N VAL C 150 -31.63 2.86 -9.79
CA VAL C 150 -33.00 2.39 -9.75
C VAL C 150 -33.78 3.21 -10.76
N ASP C 151 -34.36 2.55 -11.75
CA ASP C 151 -34.92 3.23 -12.92
C ASP C 151 -33.98 4.34 -13.43
N ASN C 152 -32.69 4.01 -13.43
CA ASN C 152 -31.63 4.89 -13.90
C ASN C 152 -31.29 6.11 -13.02
N ALA C 153 -31.87 6.19 -11.82
CA ALA C 153 -31.45 7.21 -10.86
C ALA C 153 -30.37 6.65 -9.94
N LEU C 154 -29.23 7.34 -9.88
CA LEU C 154 -28.13 6.95 -9.00
C LEU C 154 -28.53 7.09 -7.52
N GLN C 155 -28.34 6.02 -6.75
CA GLN C 155 -28.66 6.03 -5.32
C GLN C 155 -27.51 6.60 -4.52
N SER C 156 -27.82 7.45 -3.56
CA SER C 156 -26.80 7.96 -2.67
C SER C 156 -27.31 7.98 -1.25
N GLY C 157 -26.55 7.41 -0.32
CA GLY C 157 -26.87 7.44 1.10
C GLY C 157 -27.70 6.27 1.62
N ASN C 158 -28.14 5.37 0.73
CA ASN C 158 -28.95 4.23 1.16
C ASN C 158 -28.32 2.85 0.87
N SER C 159 -27.00 2.84 0.80
CA SER C 159 -26.25 1.61 0.62
C SER C 159 -25.12 1.44 1.65
N GLN C 160 -24.82 0.19 1.99
CA GLN C 160 -23.67 -0.13 2.85
C GLN C 160 -22.88 -1.27 2.24
N GLU C 161 -21.57 -1.24 2.45
CA GLU C 161 -20.67 -2.25 1.93
C GLU C 161 -19.92 -2.91 3.05
N SER C 162 -19.56 -4.16 2.82
CA SER C 162 -18.71 -4.92 3.73
C SER C 162 -17.73 -5.74 2.90
N VAL C 163 -16.47 -5.78 3.32
CA VAL C 163 -15.43 -6.44 2.55
C VAL C 163 -14.78 -7.52 3.41
N THR C 164 -14.56 -8.71 2.85
CA THR C 164 -13.84 -9.75 3.59
C THR C 164 -12.36 -9.38 3.74
N GLU C 165 -11.71 -10.03 4.70
CA GLU C 165 -10.25 -10.02 4.75
C GLU C 165 -9.68 -10.87 3.61
N GLN C 166 -8.39 -10.72 3.34
CA GLN C 166 -7.80 -11.41 2.22
C GLN C 166 -7.91 -12.92 2.38
N ASP C 167 -8.35 -13.60 1.32
CA ASP C 167 -8.59 -15.03 1.39
C ASP C 167 -7.28 -15.80 1.49
N SER C 168 -7.17 -16.68 2.47
CA SER C 168 -5.89 -17.34 2.74
C SER C 168 -5.56 -18.45 1.74
N LYS C 169 -6.46 -18.69 0.79
CA LYS C 169 -6.18 -19.67 -0.25
C LYS C 169 -5.71 -19.03 -1.57
N ASP C 170 -6.42 -17.99 -2.03
CA ASP C 170 -6.12 -17.38 -3.34
C ASP C 170 -5.78 -15.89 -3.28
N SER C 171 -5.74 -15.34 -2.06
CA SER C 171 -5.39 -13.94 -1.84
C SER C 171 -6.38 -12.90 -2.39
N THR C 172 -7.59 -13.32 -2.73
CA THR C 172 -8.60 -12.36 -3.17
C THR C 172 -9.46 -11.75 -2.04
N TYR C 173 -10.25 -10.76 -2.43
CA TYR C 173 -11.22 -10.17 -1.54
C TYR C 173 -12.60 -10.42 -2.12
N SER C 174 -13.61 -10.36 -1.27
CA SER C 174 -14.98 -10.32 -1.75
C SER C 174 -15.68 -9.13 -1.11
N LEU C 175 -16.74 -8.65 -1.74
CA LEU C 175 -17.49 -7.50 -1.28
C LEU C 175 -19.01 -7.70 -1.44
N SER C 176 -19.76 -7.30 -0.42
CA SER C 176 -21.21 -7.29 -0.50
C SER C 176 -21.70 -5.86 -0.36
N SER C 177 -22.53 -5.43 -1.30
CA SER C 177 -23.14 -4.11 -1.19
C SER C 177 -24.61 -4.30 -0.96
N THR C 178 -25.13 -3.60 0.04
CA THR C 178 -26.55 -3.68 0.35
C THR C 178 -27.27 -2.35 0.22
N LEU C 179 -28.20 -2.29 -0.73
CA LEU C 179 -29.07 -1.14 -0.92
C LEU C 179 -30.36 -1.35 -0.12
N THR C 180 -30.69 -0.41 0.77
CA THR C 180 -31.90 -0.53 1.60
C THR C 180 -33.01 0.46 1.20
N LEU C 181 -34.22 -0.05 0.97
CA LEU C 181 -35.34 0.77 0.52
C LEU C 181 -36.59 0.44 1.31
N SER C 182 -37.51 1.39 1.39
CA SER C 182 -38.84 1.10 1.92
C SER C 182 -39.60 0.19 0.93
N LYS C 183 -40.53 -0.63 1.44
CA LYS C 183 -41.35 -1.46 0.56
C LYS C 183 -42.07 -0.59 -0.47
N ALA C 184 -42.54 0.56 -0.01
CA ALA C 184 -43.27 1.51 -0.86
C ALA C 184 -42.41 2.03 -2.01
N ASP C 185 -41.21 2.52 -1.70
CA ASP C 185 -40.29 2.95 -2.76
C ASP C 185 -39.98 1.80 -3.71
N TYR C 186 -39.72 0.62 -3.15
CA TYR C 186 -39.37 -0.54 -3.95
C TYR C 186 -40.49 -0.89 -4.94
N GLU C 187 -41.73 -0.84 -4.47
CA GLU C 187 -42.89 -1.14 -5.33
C GLU C 187 -43.06 -0.13 -6.45
N LYS C 188 -42.52 1.07 -6.27
CA LYS C 188 -42.74 2.15 -7.24
C LYS C 188 -41.77 2.12 -8.42
N HIS C 189 -40.80 1.20 -8.41
CA HIS C 189 -39.79 1.19 -9.47
C HIS C 189 -39.56 -0.18 -10.09
N LYS C 190 -38.93 -0.19 -11.25
CA LYS C 190 -38.86 -1.41 -12.04
C LYS C 190 -37.45 -1.98 -12.15
N VAL C 191 -36.52 -1.20 -12.70
CA VAL C 191 -35.18 -1.69 -13.02
C VAL C 191 -34.17 -1.44 -11.89
N TYR C 192 -33.67 -2.51 -11.31
CA TYR C 192 -32.69 -2.40 -10.24
C TYR C 192 -31.35 -2.87 -10.75
N ALA C 193 -30.33 -2.04 -10.56
CA ALA C 193 -29.04 -2.33 -11.16
C ALA C 193 -27.88 -1.99 -10.25
N CYS C 194 -26.88 -2.84 -10.36
CA CYS C 194 -25.66 -2.69 -9.63
C CYS C 194 -24.53 -2.60 -10.67
N GLU C 195 -23.82 -1.48 -10.69
CA GLU C 195 -22.77 -1.27 -11.67
C GLU C 195 -21.41 -1.24 -10.97
N VAL C 196 -20.47 -2.01 -11.48
CA VAL C 196 -19.20 -2.22 -10.81
C VAL C 196 -17.99 -1.76 -11.63
N THR C 197 -17.12 -0.96 -11.02
CA THR C 197 -15.82 -0.63 -11.60
C THR C 197 -14.68 -1.17 -10.76
N HIS C 198 -13.60 -1.57 -11.42
CA HIS C 198 -12.47 -2.18 -10.73
C HIS C 198 -11.28 -2.20 -11.68
N GLN C 199 -10.06 -2.17 -11.13
CA GLN C 199 -8.86 -2.20 -11.96
C GLN C 199 -8.88 -3.30 -13.03
N GLY C 200 -9.45 -4.46 -12.69
CA GLY C 200 -9.44 -5.61 -13.57
C GLY C 200 -10.50 -5.53 -14.65
N LEU C 201 -11.26 -4.45 -14.67
CA LEU C 201 -12.31 -4.28 -15.67
C LEU C 201 -12.02 -3.06 -16.56
N SER C 202 -11.84 -3.31 -17.84
CA SER C 202 -11.59 -2.22 -18.80
C SER C 202 -12.80 -1.30 -18.93
N SER C 203 -13.99 -1.90 -18.85
CA SER C 203 -15.24 -1.14 -18.84
C SER C 203 -16.19 -1.74 -17.78
N PRO C 204 -17.13 -0.93 -17.25
CA PRO C 204 -17.94 -1.34 -16.08
C PRO C 204 -18.79 -2.56 -16.34
N VAL C 205 -19.09 -3.31 -15.29
CA VAL C 205 -20.00 -4.45 -15.41
C VAL C 205 -21.32 -4.11 -14.73
N THR C 206 -22.43 -4.44 -15.38
CA THR C 206 -23.74 -4.17 -14.79
C THR C 206 -24.59 -5.44 -14.66
N LYS C 207 -25.09 -5.69 -13.47
CA LYS C 207 -26.05 -6.75 -13.23
C LYS C 207 -27.38 -6.13 -12.77
N SER C 208 -28.47 -6.64 -13.29
CA SER C 208 -29.76 -6.05 -13.00
C SER C 208 -30.89 -7.05 -13.10
N PHE C 209 -32.03 -6.68 -12.52
CA PHE C 209 -33.21 -7.48 -12.61
C PHE C 209 -34.35 -6.50 -12.69
N ASN C 210 -35.50 -6.97 -13.14
CA ASN C 210 -36.69 -6.19 -13.12
C ASN C 210 -37.64 -6.70 -12.09
N ARG C 211 -38.21 -5.84 -11.28
CA ARG C 211 -39.04 -6.30 -10.20
C ARG C 211 -40.27 -6.91 -10.87
N GLY C 212 -40.51 -8.17 -10.65
CA GLY C 212 -41.47 -8.90 -11.45
C GLY C 212 -40.96 -10.19 -12.05
N VAL D 2 -5.01 -30.38 25.43
CA VAL D 2 -5.33 -29.22 26.26
C VAL D 2 -6.35 -28.29 25.60
N GLN D 3 -7.46 -28.06 26.28
CA GLN D 3 -8.48 -27.16 25.77
C GLN D 3 -9.02 -26.22 26.83
N LEU D 4 -9.27 -24.98 26.42
CA LEU D 4 -9.98 -24.01 27.26
C LEU D 4 -11.26 -23.61 26.52
N LYS D 5 -12.40 -23.77 27.19
CA LYS D 5 -13.71 -23.48 26.60
C LYS D 5 -14.46 -22.46 27.45
N GLN D 6 -14.85 -21.35 26.81
CA GLN D 6 -15.39 -20.20 27.53
C GLN D 6 -16.90 -20.12 27.35
N SER D 7 -17.57 -19.46 28.29
CA SER D 7 -19.01 -19.24 28.14
C SER D 7 -19.28 -18.26 27.00
N GLY D 8 -20.54 -18.25 26.53
CA GLY D 8 -20.91 -17.53 25.33
C GLY D 8 -20.93 -16.01 25.41
N PRO D 9 -20.99 -15.36 24.24
CA PRO D 9 -21.03 -13.90 24.10
C PRO D 9 -22.36 -13.31 24.54
N GLY D 10 -22.35 -12.02 24.87
CA GLY D 10 -23.56 -11.34 25.28
C GLY D 10 -23.41 -9.87 25.62
N LEU D 11 -24.54 -9.25 25.90
CA LEU D 11 -24.66 -7.83 26.18
C LEU D 11 -24.61 -7.59 27.69
N VAL D 12 -23.94 -6.52 28.10
CA VAL D 12 -23.88 -6.13 29.51
C VAL D 12 -24.17 -4.64 29.63
N GLN D 13 -25.08 -4.26 30.52
CA GLN D 13 -25.48 -2.87 30.68
C GLN D 13 -24.37 -2.04 31.31
N PRO D 14 -24.24 -0.77 30.93
CA PRO D 14 -23.26 0.10 31.56
C PRO D 14 -23.39 0.11 33.07
N SER D 15 -22.25 0.12 33.76
CA SER D 15 -22.17 0.04 35.23
C SER D 15 -22.44 -1.35 35.81
N GLN D 16 -22.99 -2.27 35.03
CA GLN D 16 -23.20 -3.63 35.53
C GLN D 16 -21.92 -4.46 35.45
N SER D 17 -21.99 -5.72 35.89
CA SER D 17 -20.79 -6.54 35.96
C SER D 17 -20.76 -7.62 34.90
N LEU D 18 -19.56 -8.03 34.54
CA LEU D 18 -19.36 -9.05 33.51
C LEU D 18 -18.90 -10.36 34.13
N SER D 19 -19.51 -11.48 33.72
CA SER D 19 -19.09 -12.79 34.22
C SER D 19 -18.80 -13.78 33.10
N ILE D 20 -17.63 -14.41 33.15
CA ILE D 20 -17.25 -15.44 32.18
C ILE D 20 -16.72 -16.69 32.87
N THR D 21 -17.12 -17.85 32.37
CA THR D 21 -16.60 -19.11 32.89
C THR D 21 -15.65 -19.72 31.89
N CYS D 22 -14.49 -20.14 32.38
CA CYS D 22 -13.51 -20.87 31.58
C CYS D 22 -13.38 -22.28 32.14
N THR D 23 -13.67 -23.26 31.29
CA THR D 23 -13.70 -24.66 31.67
C THR D 23 -12.55 -25.33 30.96
N VAL D 24 -11.67 -25.99 31.71
CA VAL D 24 -10.46 -26.53 31.11
C VAL D 24 -10.51 -28.05 31.06
N SER D 25 -9.75 -28.62 30.13
CA SER D 25 -9.61 -30.09 30.04
C SER D 25 -8.22 -30.43 29.50
N GLY D 26 -7.70 -31.59 29.87
CA GLY D 26 -6.38 -32.00 29.41
C GLY D 26 -5.27 -31.57 30.37
N PHE D 27 -5.67 -30.96 31.48
CA PHE D 27 -4.73 -30.61 32.56
C PHE D 27 -5.52 -30.20 33.79
N SER D 28 -4.85 -30.06 34.91
CA SER D 28 -5.52 -29.75 36.16
C SER D 28 -5.23 -28.33 36.63
N LEU D 29 -6.24 -27.68 37.19
CA LEU D 29 -6.05 -26.35 37.72
C LEU D 29 -5.13 -26.33 38.93
N THR D 30 -4.85 -27.51 39.50
CA THR D 30 -3.93 -27.58 40.65
C THR D 30 -2.48 -27.53 40.19
N ASN D 31 -2.27 -27.68 38.89
CA ASN D 31 -0.92 -27.65 38.33
C ASN D 31 -0.57 -26.39 37.54
N TYR D 32 -1.56 -25.76 36.90
CA TYR D 32 -1.31 -24.55 36.09
C TYR D 32 -2.18 -23.37 36.47
N GLY D 33 -1.60 -22.17 36.44
CA GLY D 33 -2.38 -20.96 36.56
C GLY D 33 -3.17 -20.76 35.29
N VAL D 34 -4.25 -19.99 35.39
CA VAL D 34 -5.02 -19.62 34.19
C VAL D 34 -5.04 -18.09 34.09
N HIS D 35 -4.64 -17.55 32.93
CA HIS D 35 -4.56 -16.09 32.76
C HIS D 35 -5.77 -15.53 32.04
N TRP D 36 -5.97 -14.22 32.14
CA TRP D 36 -7.02 -13.59 31.37
C TRP D 36 -6.49 -12.40 30.57
N VAL D 37 -6.81 -12.43 29.27
CA VAL D 37 -6.36 -11.40 28.35
C VAL D 37 -7.59 -10.84 27.64
N ARG D 38 -7.58 -9.54 27.35
CA ARG D 38 -8.64 -8.98 26.52
C ARG D 38 -8.07 -8.25 25.29
N GLN D 39 -8.93 -8.04 24.30
CA GLN D 39 -8.50 -7.45 23.04
C GLN D 39 -9.56 -6.47 22.57
N SER D 40 -9.22 -5.19 22.55
CA SER D 40 -10.19 -4.13 22.24
C SER D 40 -9.66 -3.23 21.13
N PRO D 41 -10.56 -2.52 20.43
CA PRO D 41 -10.14 -1.56 19.41
C PRO D 41 -9.16 -0.52 19.96
N GLY D 42 -9.50 0.10 21.08
CA GLY D 42 -8.64 1.11 21.65
C GLY D 42 -7.27 0.62 22.09
N LYS D 43 -7.26 -0.39 22.95
CA LYS D 43 -6.04 -0.78 23.65
C LYS D 43 -5.35 -2.04 23.13
N GLY D 44 -5.89 -2.66 22.07
CA GLY D 44 -5.34 -3.91 21.58
C GLY D 44 -5.35 -5.01 22.63
N LEU D 45 -4.31 -5.84 22.63
CA LEU D 45 -4.17 -6.90 23.63
C LEU D 45 -3.69 -6.37 25.00
N GLU D 46 -4.48 -6.65 26.04
CA GLU D 46 -4.08 -6.37 27.42
C GLU D 46 -4.19 -7.61 28.29
N TRP D 47 -3.16 -7.86 29.07
CA TRP D 47 -3.20 -8.88 30.12
C TRP D 47 -3.95 -8.30 31.31
N LEU D 48 -4.93 -9.05 31.79
CA LEU D 48 -5.81 -8.57 32.85
C LEU D 48 -5.42 -9.12 34.23
N GLY D 49 -5.14 -10.41 34.30
CA GLY D 49 -4.76 -11.04 35.54
C GLY D 49 -4.61 -12.55 35.46
N VAL D 50 -4.28 -13.16 36.59
CA VAL D 50 -4.06 -14.60 36.65
C VAL D 50 -4.49 -15.16 38.00
N ILE D 51 -5.07 -16.36 38.00
CA ILE D 51 -5.15 -17.15 39.24
C ILE D 51 -4.18 -18.36 39.17
N TRP D 52 -3.35 -18.51 40.19
CA TRP D 52 -2.31 -19.54 40.20
C TRP D 52 -2.80 -20.87 40.79
N SER D 53 -2.02 -21.93 40.57
CA SER D 53 -2.29 -23.28 41.08
C SER D 53 -2.93 -23.30 42.47
N GLY D 54 -2.26 -22.65 43.43
CA GLY D 54 -2.69 -22.63 44.81
C GLY D 54 -3.70 -21.55 45.16
N GLY D 55 -4.21 -20.85 44.16
CA GLY D 55 -5.32 -19.96 44.37
C GLY D 55 -5.00 -18.48 44.50
N ASN D 56 -3.72 -18.14 44.67
CA ASN D 56 -3.31 -16.73 44.66
C ASN D 56 -3.71 -16.01 43.37
N THR D 57 -3.95 -14.71 43.46
CA THR D 57 -4.27 -13.93 42.28
C THR D 57 -3.38 -12.70 42.10
N ASP D 58 -3.04 -12.41 40.85
CA ASP D 58 -2.42 -11.14 40.48
C ASP D 58 -3.33 -10.41 39.51
N TYR D 59 -3.51 -9.11 39.71
CA TYR D 59 -4.30 -8.30 38.78
C TYR D 59 -3.46 -7.17 38.22
N ASN D 60 -3.52 -6.98 36.90
CA ASN D 60 -2.93 -5.80 36.30
C ASN D 60 -3.47 -4.55 37.01
N THR D 61 -2.56 -3.66 37.37
CA THR D 61 -2.85 -2.49 38.20
C THR D 61 -4.18 -1.74 37.93
N PRO D 62 -4.46 -1.34 36.67
CA PRO D 62 -5.69 -0.56 36.48
C PRO D 62 -7.00 -1.35 36.68
N PHE D 63 -6.92 -2.62 37.06
CA PHE D 63 -8.12 -3.41 37.23
C PHE D 63 -8.25 -3.97 38.66
N THR D 64 -7.26 -3.64 39.50
CA THR D 64 -7.17 -4.24 40.83
C THR D 64 -8.43 -4.04 41.69
N SER D 65 -9.11 -2.91 41.52
CA SER D 65 -10.26 -2.62 42.36
C SER D 65 -11.59 -3.08 41.77
N ARG D 66 -11.58 -3.63 40.56
CA ARG D 66 -12.85 -4.04 39.96
C ARG D 66 -12.87 -5.45 39.38
N LEU D 67 -11.76 -6.16 39.51
CA LEU D 67 -11.63 -7.48 38.94
C LEU D 67 -11.55 -8.50 40.07
N SER D 68 -12.08 -9.69 39.83
CA SER D 68 -11.89 -10.80 40.75
C SER D 68 -11.91 -12.12 39.98
N ILE D 69 -10.94 -12.97 40.27
CA ILE D 69 -10.82 -14.27 39.61
C ILE D 69 -10.88 -15.38 40.66
N ASN D 70 -11.82 -16.31 40.50
CA ASN D 70 -11.94 -17.45 41.39
C ASN D 70 -11.93 -18.75 40.59
N LYS D 71 -11.89 -19.88 41.28
CA LYS D 71 -11.96 -21.17 40.60
C LYS D 71 -12.49 -22.33 41.43
N ASP D 72 -12.80 -23.42 40.75
CA ASP D 72 -13.19 -24.65 41.37
C ASP D 72 -12.32 -25.75 40.74
N ASN D 73 -11.36 -26.25 41.53
CA ASN D 73 -10.42 -27.24 41.02
C ASN D 73 -11.11 -28.52 40.56
N SER D 74 -12.11 -28.96 41.32
CA SER D 74 -12.83 -30.19 41.03
C SER D 74 -13.66 -30.12 39.76
N LYS D 75 -14.24 -28.94 39.50
CA LYS D 75 -15.03 -28.74 38.28
C LYS D 75 -14.20 -28.30 37.06
N SER D 76 -12.88 -28.14 37.25
CA SER D 76 -12.00 -27.64 36.21
C SER D 76 -12.49 -26.30 35.66
N GLN D 77 -13.04 -25.47 36.55
CA GLN D 77 -13.64 -24.21 36.13
C GLN D 77 -13.00 -23.00 36.76
N VAL D 78 -12.78 -21.97 35.93
CA VAL D 78 -12.23 -20.70 36.39
C VAL D 78 -13.24 -19.59 36.14
N PHE D 79 -13.47 -18.75 37.14
CA PHE D 79 -14.49 -17.70 37.00
C PHE D 79 -13.91 -16.27 37.00
N PHE D 80 -14.22 -15.55 35.92
CA PHE D 80 -13.74 -14.19 35.72
C PHE D 80 -14.89 -13.21 35.98
N LYS D 81 -14.68 -12.23 36.84
CA LYS D 81 -15.71 -11.22 37.10
C LYS D 81 -15.13 -9.80 37.13
N MET D 82 -15.74 -8.90 36.36
CA MET D 82 -15.32 -7.50 36.36
C MET D 82 -16.51 -6.56 36.60
N ASN D 83 -16.29 -5.53 37.40
CA ASN D 83 -17.37 -4.64 37.83
C ASN D 83 -17.40 -3.30 37.10
N SER D 84 -18.54 -2.65 37.16
CA SER D 84 -18.70 -1.28 36.65
CA SER D 84 -18.70 -1.29 36.64
C SER D 84 -18.16 -1.12 35.23
N LEU D 85 -18.77 -1.82 34.28
CA LEU D 85 -18.33 -1.76 32.89
C LEU D 85 -18.77 -0.49 32.17
N GLN D 86 -17.90 0.03 31.33
CA GLN D 86 -18.25 1.17 30.49
C GLN D 86 -18.08 0.77 29.03
N SER D 87 -18.47 1.67 28.13
CA SER D 87 -18.42 1.39 26.71
C SER D 87 -17.08 0.82 26.26
N ASN D 88 -15.99 1.41 26.73
CA ASN D 88 -14.66 1.02 26.23
C ASN D 88 -14.15 -0.30 26.81
N ASP D 89 -15.00 -0.98 27.59
CA ASP D 89 -14.69 -2.33 28.04
C ASP D 89 -15.27 -3.35 27.06
N THR D 90 -15.94 -2.84 26.04
CA THR D 90 -16.41 -3.67 24.95
C THR D 90 -15.18 -4.26 24.31
N ALA D 91 -15.09 -5.60 24.34
CA ALA D 91 -13.88 -6.27 23.88
C ALA D 91 -14.08 -7.78 23.76
N ILE D 92 -13.08 -8.46 23.22
CA ILE D 92 -13.03 -9.90 23.27
C ILE D 92 -12.17 -10.31 24.47
N TYR D 93 -12.77 -11.11 25.36
CA TYR D 93 -12.11 -11.59 26.57
C TYR D 93 -11.67 -13.04 26.42
N TYR D 94 -10.39 -13.33 26.68
CA TYR D 94 -9.88 -14.70 26.59
C TYR D 94 -9.39 -15.22 27.94
N CYS D 95 -9.57 -16.52 28.17
CA CYS D 95 -8.76 -17.20 29.17
C CYS D 95 -7.59 -17.87 28.44
N ALA D 96 -6.47 -18.05 29.14
CA ALA D 96 -5.26 -18.59 28.53
C ALA D 96 -4.39 -19.39 29.51
N ARG D 97 -3.66 -20.38 28.99
CA ARG D 97 -2.71 -21.15 29.80
C ARG D 97 -1.29 -21.08 29.22
N ALA D 98 -0.29 -20.95 30.09
CA ALA D 98 1.12 -20.92 29.67
C ALA D 98 1.71 -22.30 29.48
N LEU D 99 2.88 -22.37 28.85
CA LEU D 99 3.61 -23.64 28.70
C LEU D 99 4.05 -24.21 30.04
N THR D 100 4.61 -23.35 30.89
CA THR D 100 5.06 -23.77 32.21
C THR D 100 4.18 -23.13 33.27
N TYR D 101 4.05 -23.80 34.40
CA TYR D 101 3.14 -23.37 35.46
C TYR D 101 3.35 -21.94 35.96
N TYR D 102 4.57 -21.42 35.83
CA TYR D 102 4.92 -20.13 36.42
C TYR D 102 5.09 -19.01 35.36
N ASP D 103 4.97 -19.37 34.10
CA ASP D 103 5.37 -18.46 33.02
C ASP D 103 4.21 -17.73 32.35
N TYR D 104 4.52 -16.93 31.34
CA TYR D 104 3.54 -16.07 30.71
C TYR D 104 3.57 -16.22 29.20
N GLU D 105 4.07 -17.35 28.73
CA GLU D 105 4.06 -17.62 27.29
C GLU D 105 2.82 -18.46 26.96
N PHE D 106 1.88 -17.84 26.26
CA PHE D 106 0.53 -18.38 26.19
C PHE D 106 0.32 -19.34 25.03
N ALA D 107 0.52 -20.62 25.32
CA ALA D 107 0.45 -21.66 24.31
C ALA D 107 -0.97 -22.12 24.06
N TYR D 108 -1.87 -21.88 25.01
CA TYR D 108 -3.25 -22.34 24.87
C TYR D 108 -4.25 -21.23 25.17
N TRP D 109 -5.22 -21.06 24.28
CA TRP D 109 -6.25 -20.03 24.47
C TRP D 109 -7.66 -20.61 24.37
N GLY D 110 -8.59 -20.00 25.10
CA GLY D 110 -10.01 -20.24 24.87
C GLY D 110 -10.41 -19.66 23.53
N GLN D 111 -11.65 -19.88 23.12
CA GLN D 111 -12.12 -19.36 21.82
C GLN D 111 -12.39 -17.85 21.89
N GLY D 112 -12.45 -17.32 23.11
CA GLY D 112 -12.71 -15.92 23.32
C GLY D 112 -14.20 -15.64 23.47
N THR D 113 -14.53 -14.54 24.15
CA THR D 113 -15.92 -14.20 24.40
C THR D 113 -16.14 -12.73 24.09
N LEU D 114 -16.94 -12.46 23.06
CA LEU D 114 -17.21 -11.08 22.65
C LEU D 114 -18.24 -10.47 23.61
N VAL D 115 -17.81 -9.41 24.29
CA VAL D 115 -18.64 -8.74 25.27
C VAL D 115 -18.91 -7.31 24.82
N THR D 116 -20.19 -6.98 24.67
CA THR D 116 -20.60 -5.64 24.29
C THR D 116 -21.17 -4.92 25.50
N VAL D 117 -20.74 -3.68 25.72
CA VAL D 117 -21.33 -2.86 26.77
C VAL D 117 -22.20 -1.80 26.11
N SER D 118 -23.50 -1.88 26.37
CA SER D 118 -24.47 -1.02 25.71
C SER D 118 -25.76 -1.01 26.50
N ALA D 119 -26.49 0.10 26.44
CA ALA D 119 -27.77 0.23 27.14
C ALA D 119 -28.96 -0.36 26.36
N ALA D 120 -28.69 -0.84 25.15
CA ALA D 120 -29.74 -1.41 24.30
C ALA D 120 -30.21 -2.83 24.70
N SER D 121 -31.10 -3.39 23.89
CA SER D 121 -31.68 -4.71 24.16
C SER D 121 -31.12 -5.76 23.23
N THR D 122 -31.05 -7.00 23.69
CA THR D 122 -30.68 -8.11 22.85
C THR D 122 -31.82 -8.33 21.86
N LYS D 123 -31.46 -8.48 20.58
CA LYS D 123 -32.45 -8.81 19.56
C LYS D 123 -31.92 -9.86 18.55
N GLY D 124 -32.74 -10.88 18.28
CA GLY D 124 -32.37 -11.92 17.33
C GLY D 124 -32.62 -11.46 15.91
N PRO D 125 -31.85 -12.00 14.96
CA PRO D 125 -31.92 -11.55 13.56
C PRO D 125 -33.08 -12.18 12.82
N SER D 126 -33.44 -11.57 11.70
CA SER D 126 -34.28 -12.26 10.73
C SER D 126 -33.35 -12.77 9.65
N VAL D 127 -33.65 -13.95 9.11
CA VAL D 127 -32.84 -14.55 8.06
C VAL D 127 -33.65 -14.66 6.76
N PHE D 128 -33.11 -14.11 5.68
CA PHE D 128 -33.77 -14.12 4.39
C PHE D 128 -32.84 -14.71 3.33
N PRO D 129 -33.40 -15.38 2.32
CA PRO D 129 -32.59 -15.96 1.25
C PRO D 129 -32.07 -14.93 0.24
N LEU D 130 -30.83 -15.13 -0.21
CA LEU D 130 -30.30 -14.45 -1.37
C LEU D 130 -30.29 -15.49 -2.48
N ALA D 131 -31.35 -15.51 -3.29
CA ALA D 131 -31.57 -16.64 -4.20
C ALA D 131 -30.92 -16.43 -5.56
N GLY D 140 -21.53 -21.45 -15.86
CA GLY D 140 -22.66 -21.92 -15.06
C GLY D 140 -22.34 -22.03 -13.58
N THR D 141 -21.72 -20.99 -13.01
CA THR D 141 -21.56 -20.91 -11.57
C THR D 141 -22.66 -20.03 -11.00
N ALA D 142 -23.34 -20.48 -9.96
CA ALA D 142 -24.36 -19.67 -9.32
C ALA D 142 -23.92 -19.20 -7.93
N ALA D 143 -24.39 -18.02 -7.52
CA ALA D 143 -24.18 -17.56 -6.16
C ALA D 143 -25.47 -17.66 -5.34
N LEU D 144 -25.33 -18.03 -4.07
CA LEU D 144 -26.45 -18.18 -3.16
C LEU D 144 -26.02 -17.57 -1.84
N GLY D 145 -26.98 -17.13 -1.05
CA GLY D 145 -26.65 -16.57 0.23
C GLY D 145 -27.77 -16.43 1.23
N CYS D 146 -27.40 -15.93 2.41
CA CYS D 146 -28.33 -15.61 3.48
C CYS D 146 -28.09 -14.20 3.99
N LEU D 147 -29.19 -13.47 4.15
CA LEU D 147 -29.15 -12.14 4.71
C LEU D 147 -29.60 -12.24 6.17
N VAL D 148 -28.64 -12.03 7.06
CA VAL D 148 -28.86 -12.14 8.50
C VAL D 148 -28.98 -10.71 9.05
N LYS D 149 -30.21 -10.31 9.32
CA LYS D 149 -30.57 -8.89 9.44
C LYS D 149 -31.17 -8.46 10.79
N ASP D 150 -30.78 -7.28 11.25
CA ASP D 150 -31.40 -6.61 12.41
C ASP D 150 -31.24 -7.35 13.75
N TYR D 151 -30.01 -7.61 14.15
CA TYR D 151 -29.75 -8.28 15.42
C TYR D 151 -28.82 -7.43 16.29
N PHE D 152 -28.84 -7.72 17.58
CA PHE D 152 -27.94 -7.06 18.51
C PHE D 152 -27.78 -7.91 19.77
N PRO D 153 -26.56 -8.02 20.28
CA PRO D 153 -25.34 -7.44 19.69
C PRO D 153 -24.60 -8.49 18.86
N GLU D 154 -23.39 -8.14 18.44
CA GLU D 154 -22.52 -9.12 17.82
C GLU D 154 -22.22 -10.19 18.87
N PRO D 155 -21.85 -11.41 18.43
CA PRO D 155 -21.74 -11.85 17.04
C PRO D 155 -22.82 -12.84 16.67
N VAL D 156 -22.80 -13.22 15.41
CA VAL D 156 -23.63 -14.31 14.94
C VAL D 156 -22.71 -15.29 14.20
N THR D 157 -23.03 -16.58 14.25
CA THR D 157 -22.26 -17.53 13.47
C THR D 157 -23.11 -18.06 12.35
N VAL D 158 -22.47 -18.29 11.21
CA VAL D 158 -23.13 -18.86 10.04
C VAL D 158 -22.25 -19.97 9.50
N SER D 159 -22.85 -21.14 9.29
CA SER D 159 -22.20 -22.20 8.53
C SER D 159 -23.17 -22.63 7.46
N TRP D 160 -22.73 -23.53 6.59
CA TRP D 160 -23.55 -24.03 5.50
C TRP D 160 -23.62 -25.56 5.52
N ASN D 161 -24.81 -26.12 5.33
CA ASN D 161 -25.01 -27.58 5.32
C ASN D 161 -24.37 -28.24 6.55
N SER D 162 -24.58 -27.62 7.70
CA SER D 162 -24.06 -28.10 8.99
C SER D 162 -22.55 -28.25 9.02
N GLY D 163 -21.85 -27.52 8.18
CA GLY D 163 -20.40 -27.49 8.23
C GLY D 163 -19.74 -28.31 7.14
N ALA D 164 -20.54 -29.06 6.39
CA ALA D 164 -20.02 -29.92 5.32
C ALA D 164 -19.61 -29.15 4.06
N LEU D 165 -20.09 -27.91 3.95
CA LEU D 165 -19.81 -27.06 2.79
C LEU D 165 -19.01 -25.84 3.24
N THR D 166 -17.74 -25.80 2.85
CA THR D 166 -16.87 -24.70 3.26
C THR D 166 -16.25 -24.00 2.06
N SER D 167 -16.04 -24.76 1.00
CA SER D 167 -15.37 -24.25 -0.17
C SER D 167 -16.25 -23.25 -0.92
N GLY D 168 -15.70 -22.05 -1.15
CA GLY D 168 -16.42 -21.00 -1.85
C GLY D 168 -17.37 -20.21 -0.96
N VAL D 169 -17.36 -20.50 0.34
CA VAL D 169 -18.13 -19.74 1.32
C VAL D 169 -17.41 -18.45 1.76
N HIS D 170 -18.14 -17.35 1.78
CA HIS D 170 -17.64 -16.07 2.28
C HIS D 170 -18.66 -15.50 3.23
N THR D 171 -18.28 -15.33 4.50
CA THR D 171 -19.15 -14.70 5.47
C THR D 171 -18.64 -13.30 5.78
N PHE D 172 -19.43 -12.30 5.42
CA PHE D 172 -19.00 -10.91 5.51
C PHE D 172 -19.01 -10.38 6.95
N PRO D 173 -18.09 -9.45 7.25
CA PRO D 173 -18.15 -8.74 8.53
C PRO D 173 -19.49 -8.04 8.66
N ALA D 174 -20.09 -8.12 9.84
CA ALA D 174 -21.35 -7.42 10.10
C ALA D 174 -21.21 -5.91 9.89
N VAL D 175 -22.27 -5.26 9.43
CA VAL D 175 -22.26 -3.81 9.42
C VAL D 175 -23.26 -3.30 10.45
N LEU D 176 -22.88 -2.21 11.10
CA LEU D 176 -23.78 -1.49 12.00
C LEU D 176 -24.65 -0.55 11.17
N GLN D 177 -25.96 -0.80 11.18
CA GLN D 177 -26.92 -0.01 10.41
C GLN D 177 -27.28 1.26 11.17
N SER D 178 -27.91 2.21 10.50
CA SER D 178 -28.25 3.48 11.14
C SER D 178 -29.24 3.28 12.31
N SER D 179 -29.89 2.13 12.34
CA SER D 179 -30.85 1.78 13.38
C SER D 179 -30.17 1.30 14.67
N GLY D 180 -28.86 1.05 14.61
CA GLY D 180 -28.13 0.50 15.74
C GLY D 180 -28.18 -1.02 15.79
N LEU D 181 -28.81 -1.63 14.80
CA LEU D 181 -28.83 -3.07 14.69
C LEU D 181 -27.78 -3.51 13.67
N TYR D 182 -27.21 -4.69 13.86
CA TYR D 182 -26.26 -5.23 12.89
C TYR D 182 -26.95 -5.98 11.77
N SER D 183 -26.28 -6.04 10.63
CA SER D 183 -26.73 -6.84 9.50
C SER D 183 -25.52 -7.54 8.90
N LEU D 184 -25.74 -8.72 8.32
CA LEU D 184 -24.65 -9.56 7.84
C LEU D 184 -25.12 -10.41 6.68
N SER D 185 -24.21 -10.69 5.75
CA SER D 185 -24.49 -11.61 4.64
C SER D 185 -23.47 -12.74 4.60
N SER D 186 -23.96 -13.92 4.21
CA SER D 186 -23.10 -15.06 3.94
C SER D 186 -23.45 -15.61 2.58
N VAL D 187 -22.44 -15.80 1.73
CA VAL D 187 -22.65 -16.32 0.38
C VAL D 187 -21.78 -17.55 0.07
N VAL D 188 -22.18 -18.28 -0.96
CA VAL D 188 -21.40 -19.42 -1.41
C VAL D 188 -21.63 -19.58 -2.93
N THR D 189 -20.61 -20.01 -3.66
CA THR D 189 -20.80 -20.30 -5.07
C THR D 189 -20.90 -21.80 -5.32
N VAL D 190 -21.83 -22.16 -6.20
CA VAL D 190 -22.11 -23.56 -6.49
C VAL D 190 -22.36 -23.75 -7.98
N PRO D 191 -22.18 -24.98 -8.49
CA PRO D 191 -22.54 -25.26 -9.89
C PRO D 191 -24.03 -25.09 -10.07
N SER D 192 -24.45 -24.28 -11.03
CA SER D 192 -25.86 -24.04 -11.21
C SER D 192 -26.67 -25.32 -11.46
N SER D 193 -26.03 -26.36 -12.00
CA SER D 193 -26.77 -27.61 -12.27
C SER D 193 -27.00 -28.47 -11.02
N SER D 194 -26.51 -28.02 -9.88
CA SER D 194 -26.74 -28.72 -8.61
C SER D 194 -27.91 -28.12 -7.81
N LEU D 195 -28.43 -26.99 -8.25
CA LEU D 195 -29.48 -26.27 -7.52
C LEU D 195 -30.79 -27.04 -7.35
N GLY D 196 -31.02 -28.04 -8.19
CA GLY D 196 -32.27 -28.80 -8.14
C GLY D 196 -32.19 -30.02 -7.24
N THR D 197 -30.98 -30.54 -7.10
CA THR D 197 -30.75 -31.85 -6.49
C THR D 197 -30.08 -31.77 -5.12
N GLN D 198 -29.26 -30.75 -4.91
CA GLN D 198 -28.52 -30.59 -3.66
C GLN D 198 -29.15 -29.51 -2.82
N THR D 199 -29.41 -29.78 -1.53
CA THR D 199 -29.97 -28.74 -0.68
C THR D 199 -28.88 -27.85 -0.12
N TYR D 200 -29.12 -26.55 -0.12
CA TYR D 200 -28.21 -25.60 0.49
C TYR D 200 -28.90 -24.93 1.67
N ILE D 201 -28.35 -25.15 2.85
CA ILE D 201 -28.92 -24.63 4.09
C ILE D 201 -27.90 -23.75 4.74
N CYS D 202 -28.31 -22.55 5.15
CA CYS D 202 -27.44 -21.76 6.02
C CYS D 202 -27.85 -21.93 7.50
N ASN D 203 -26.86 -22.23 8.33
CA ASN D 203 -27.09 -22.45 9.75
C ASN D 203 -26.72 -21.21 10.55
N VAL D 204 -27.74 -20.45 10.92
CA VAL D 204 -27.52 -19.21 11.64
C VAL D 204 -27.72 -19.38 13.14
N ASN D 205 -26.79 -18.87 13.93
CA ASN D 205 -26.90 -18.94 15.37
C ASN D 205 -26.47 -17.63 16.03
N HIS D 206 -27.45 -16.92 16.59
CA HIS D 206 -27.17 -15.74 17.40
C HIS D 206 -27.23 -16.14 18.86
N LYS D 207 -26.10 -16.53 19.43
CA LYS D 207 -26.05 -16.98 20.82
C LYS D 207 -26.56 -16.00 21.93
N PRO D 208 -26.25 -14.69 21.82
CA PRO D 208 -26.77 -13.77 22.84
C PRO D 208 -28.30 -13.74 22.98
N SER D 209 -29.04 -14.15 21.95
CA SER D 209 -30.50 -14.17 22.02
C SER D 209 -31.04 -15.59 21.98
N ASN D 210 -30.14 -16.57 21.96
CA ASN D 210 -30.50 -17.98 21.75
C ASN D 210 -31.39 -18.23 20.54
N THR D 211 -31.17 -17.47 19.46
CA THR D 211 -31.94 -17.65 18.24
C THR D 211 -31.16 -18.51 17.28
N LYS D 212 -31.75 -19.63 16.87
CA LYS D 212 -31.14 -20.50 15.88
C LYS D 212 -32.08 -20.69 14.67
N VAL D 213 -31.55 -20.47 13.48
CA VAL D 213 -32.35 -20.65 12.25
C VAL D 213 -31.55 -21.43 11.21
N ASP D 214 -32.18 -22.46 10.65
CA ASP D 214 -31.64 -23.14 9.48
C ASP D 214 -32.50 -22.73 8.30
N LYS D 215 -31.90 -22.07 7.31
CA LYS D 215 -32.64 -21.55 6.17
C LYS D 215 -32.19 -22.19 4.86
N ARG D 216 -33.14 -22.77 4.13
CA ARG D 216 -32.85 -23.28 2.79
C ARG D 216 -32.91 -22.17 1.75
N VAL D 217 -31.93 -22.15 0.86
CA VAL D 217 -31.86 -21.14 -0.18
C VAL D 217 -31.90 -21.79 -1.55
N GLU D 218 -32.86 -21.40 -2.40
CA GLU D 218 -33.02 -22.00 -3.72
C GLU D 218 -33.58 -20.98 -4.71
N PRO D 219 -33.39 -21.22 -6.02
CA PRO D 219 -33.96 -20.29 -7.01
C PRO D 219 -35.45 -20.16 -6.86
N LYS D 220 -35.99 -18.97 -7.03
CA LYS D 220 -37.40 -18.66 -6.81
C LYS D 220 -38.29 -18.90 -8.01
N SER E 1 11.54 -4.17 -6.56
CA SER E 1 12.30 -2.91 -6.57
C SER E 1 13.05 -2.70 -7.88
N GLN E 2 12.46 -1.93 -8.78
CA GLN E 2 13.09 -1.59 -10.05
C GLN E 2 13.30 -0.09 -10.18
N PHE E 3 14.56 0.31 -10.29
CA PHE E 3 14.90 1.71 -10.42
C PHE E 3 14.64 2.24 -11.84
N ASP E 4 13.98 3.40 -11.93
CA ASP E 4 13.58 3.99 -13.20
C ASP E 4 14.50 5.15 -13.53
N LEU E 5 15.22 5.05 -14.65
CA LEU E 5 16.20 6.07 -15.04
C LEU E 5 15.61 7.43 -15.37
N SER E 6 14.36 7.42 -15.82
CA SER E 6 13.70 8.66 -16.23
C SER E 6 13.35 9.58 -15.06
N THR E 7 12.82 8.99 -13.98
CA THR E 7 12.31 9.72 -12.83
C THR E 7 13.25 9.68 -11.64
N ARG E 8 14.23 8.77 -11.69
CA ARG E 8 15.07 8.47 -10.54
C ARG E 8 14.26 7.98 -9.34
N ARG E 9 13.22 7.21 -9.59
CA ARG E 9 12.38 6.69 -8.52
C ARG E 9 12.17 5.19 -8.69
N LEU E 10 11.95 4.50 -7.57
CA LEU E 10 11.61 3.08 -7.61
C LEU E 10 10.20 2.96 -8.17
N LYS E 11 9.95 1.87 -8.87
CA LYS E 11 8.63 1.68 -9.48
C LYS E 11 7.65 1.03 -8.52
N SER F 1 -3.29 1.34 12.50
CA SER F 1 -4.37 0.38 12.39
C SER F 1 -5.19 0.26 13.68
N GLN F 2 -6.26 -0.52 13.62
CA GLN F 2 -7.19 -0.65 14.74
C GLN F 2 -7.80 -2.04 14.76
N PHE F 3 -7.91 -2.64 15.94
CA PHE F 3 -8.52 -3.95 16.07
C PHE F 3 -10.03 -3.94 15.87
N ASP F 4 -10.52 -4.91 15.10
CA ASP F 4 -11.93 -5.00 14.73
C ASP F 4 -12.55 -6.24 15.39
N LEU F 5 -13.54 -6.01 16.25
CA LEU F 5 -14.16 -7.08 17.04
C LEU F 5 -14.89 -8.10 16.18
N SER F 6 -15.42 -7.64 15.05
CA SER F 6 -16.19 -8.51 14.18
C SER F 6 -15.31 -9.57 13.50
N THR F 7 -14.08 -9.20 13.15
CA THR F 7 -13.23 -10.09 12.37
C THR F 7 -12.03 -10.63 13.15
N ARG F 8 -11.77 -10.02 14.30
CA ARG F 8 -10.55 -10.28 15.03
C ARG F 8 -9.34 -10.03 14.14
N ARG F 9 -9.43 -8.99 13.32
CA ARG F 9 -8.29 -8.61 12.48
C ARG F 9 -8.01 -7.13 12.62
N LEU F 10 -6.77 -6.76 12.40
CA LEU F 10 -6.42 -5.38 12.33
C LEU F 10 -7.02 -4.76 11.09
N LYS F 11 -7.45 -3.53 11.18
CA LYS F 11 -8.20 -2.92 10.14
C LYS F 11 -7.39 -1.97 9.35
N SER F 12 -7.54 -2.10 8.05
CA SER F 12 -6.95 -1.29 7.00
C SER F 12 -6.15 -2.19 6.08
#